data_3AVY
#
_entry.id   3AVY
#
_cell.length_a   140.070
_cell.length_b   257.220
_cell.length_c   101.310
_cell.angle_alpha   90.00
_cell.angle_beta   90.00
_cell.angle_gamma   90.00
#
_symmetry.space_group_name_H-M   'C 2 2 21'
#
loop_
_entity.id
_entity.type
_entity.pdbx_description
1 polymer 'Elongation factor Ts, Elongation factor Tu, LINKER, Q beta replicase'
2 polymer "RNA (5'-R(*GP*GP*GP*UP*CP*CP*AP*UP*AP*AP*AP*AP*U)-3')"
3 polymer "RNA (5'-R(*AP*AP*CP*GP*AP*UP*UP*UP*UP*AP*UP*GP*GP*AP*CP*CP*CP*A)-3')"
4 non-polymer "3'-DEOXY-CYTIDINE-5'-TRIPHOSPHATE"
5 non-polymer 'CALCIUM ION'
6 water water
#
loop_
_entity_poly.entity_id
_entity_poly.type
_entity_poly.pdbx_seq_one_letter_code
_entity_poly.pdbx_strand_id
1 'polypeptide(L)'
;MAEITASLVKELRERTGAGMMDCKKALTEANGDIELAIENMRKSGAIKAAKKAGNVAADGVIKTKIDGNYGIILEVNCQT
DFVAKDAGFQAFADKVLDAAVAGKITDVEVLKAQFEEERVALVAKIGENINIRRVAALEGDVLGSYQHGARIGVLVAAKG
ADEELVKHIAMHVAASKPEFIKPEDVSAEVVEKEYQVQLDIAMQSGKPKEIAEKMVEGRMKKFTGEVSLTGQPFVMEPSK
TVGQLLKEHNAEVTGFIRFEVGEGIEKVETDFAAEVAAMSKQSHMSKEKFERTKPHVNVGTIGHVDHGKTTLTAAITTVL
AKTYGGAARAFDQIDNAPEEKARGITINTSHVEYDTPTRHYAHVDCPGHADYVKNMITGAAQMDGAILVVAATDGPMPQT
REHILLGRQVGVPYIIVFLNKCDMVDDEELLELVEMEVRELLSQYDFPGDDTPIVRGSALKALEGDAEWEAKILELAGFL
DSYIPEPERAIDKPFLLPIEDVFSISGRGTVVTGRVERGIIKVGEEVEIVGIKETQKSTCTGVEMFRKLLDEGRAGENVG
VLLRGIKREEIERGQVLAKPGTIKPHTKFESEVYILSKDEGGRHTPFFKGYRPQFYFRTTDVTGTIELPEGVEMVMPGDN
IKMVVTLIHPIAMDDGLRFAIREGGRTVGAGVVAKVLSGASGAAGGGGSGGGGSMSKTASSRNSLSAQLRRAANTRIEVE
GNLALSIANDLLLAYGQSPFNSEAECISFSPRFDGTPDDFRINYLKAEIMSKYDDFSLGIDTEAVAWEKFLAAEAECALT
NARLYRPDYSEDFNFSLGESCIHMARRKIAKLIGDVPSVEGMLRHCRFSGGATTTNNRSYGHPSFKFALPQACTPRALKY
VLALRASTHFDIRISDISPFNKAVTVPKNSKTDRCIAIEPGWNMFFQLGIGGILRDRLRCWGIDLNDQTINQRRAHEGSV
TNNLATVDLSAASDSISLALCELLLPPGWFEVLMDLRSPKGRLPDGSVVTYEKISSMGNGYTFELESLIFASLARSVCEI
LDLDSSEVTVYGDDIILPSCAVPALREVFKYVGFTTNTKKTFSEGPFRESCGKHYYSGVDVTPFYIRHRIVSPADLILVL
NNLYRWATIDGVWDPRAHSVYLKYRKLLPKQLQRNTIPDGYGDGALVGSVLINPFAKNRGWIRYVPVITDHTRDRERAEL
GSYLYDLFSRCLSESNDGLPLRGPSGCDSADLFAIDQLICRSNPTKISRSTGKFDIQYIACSSRVLAPYGVFQGTKVASL
HEAHHHHHH
;
A
2 'polyribonucleotide' GGGUCCAUAAAAU G
3 'polyribonucleotide' AACGAUUUUAUGGACCCA T
#
loop_
_chem_comp.id
_chem_comp.type
_chem_comp.name
_chem_comp.formula
A RNA linking ADENOSINE-5'-MONOPHOSPHATE 'C10 H14 N5 O7 P'
C RNA linking CYTIDINE-5'-MONOPHOSPHATE 'C9 H14 N3 O8 P'
CA non-polymer 'CALCIUM ION' 'Ca 2'
CH1 non-polymer 3'-DEOXY-CYTIDINE-5'-TRIPHOSPHATE 'C9 H16 N3 O13 P3'
G RNA linking GUANOSINE-5'-MONOPHOSPHATE 'C10 H14 N5 O8 P'
U RNA linking URIDINE-5'-MONOPHOSPHATE 'C9 H13 N2 O9 P'
#
# COMPACT_ATOMS: atom_id res chain seq x y z
N ALA A 2 32.98 5.42 49.38
CA ALA A 2 31.76 6.19 49.59
C ALA A 2 32.03 7.68 49.54
N GLU A 3 31.62 8.37 50.60
CA GLU A 3 31.81 9.80 50.78
C GLU A 3 30.92 10.30 51.90
N ILE A 4 29.93 9.49 52.27
CA ILE A 4 28.88 9.91 53.18
C ILE A 4 29.10 9.42 54.62
N THR A 5 28.77 10.29 55.57
CA THR A 5 28.64 9.89 56.97
C THR A 5 27.29 9.16 57.12
N ALA A 6 26.79 8.66 55.98
CA ALA A 6 25.55 7.89 55.90
C ALA A 6 25.66 6.78 54.84
N SER A 7 25.27 5.56 55.21
CA SER A 7 25.41 4.40 54.32
C SER A 7 24.07 3.79 53.86
N LEU A 8 23.11 3.72 54.78
CA LEU A 8 21.80 3.12 54.52
C LEU A 8 20.78 4.16 54.05
N VAL A 9 20.80 4.44 52.75
CA VAL A 9 19.93 5.43 52.14
C VAL A 9 18.64 4.76 51.67
N LYS A 10 18.64 3.43 51.68
CA LYS A 10 17.49 2.68 51.21
C LYS A 10 16.25 2.99 52.05
N GLU A 11 16.44 3.19 53.35
CA GLU A 11 15.33 3.58 54.22
C GLU A 11 14.78 4.92 53.76
N LEU A 12 15.66 5.83 53.38
CA LEU A 12 15.22 7.10 52.83
C LEU A 12 14.48 6.89 51.52
N ARG A 13 15.03 5.99 50.70
CA ARG A 13 14.45 5.71 49.40
C ARG A 13 13.11 4.98 49.51
N GLU A 14 13.11 3.80 50.16
CA GLU A 14 11.90 2.98 50.20
C GLU A 14 10.81 3.59 51.09
N ARG A 15 10.81 4.91 51.18
CA ARG A 15 9.74 5.63 51.86
C ARG A 15 9.53 6.97 51.17
N THR A 16 10.16 7.14 50.01
CA THR A 16 9.98 8.33 49.19
C THR A 16 9.86 8.00 47.70
N GLY A 17 10.80 7.22 47.18
CA GLY A 17 10.81 6.85 45.78
C GLY A 17 11.69 7.78 44.98
N ALA A 18 12.52 8.55 45.69
CA ALA A 18 13.42 9.50 45.05
C ALA A 18 14.67 8.77 44.58
N GLY A 19 15.38 9.38 43.62
CA GLY A 19 16.62 8.84 43.11
C GLY A 19 17.68 8.59 44.18
N MET A 20 18.49 7.55 43.97
CA MET A 20 19.57 7.24 44.90
C MET A 20 20.35 8.48 45.31
N MET A 21 20.90 9.19 44.31
CA MET A 21 21.70 10.40 44.56
C MET A 21 20.88 11.56 45.10
N ASP A 22 19.72 11.81 44.52
CA ASP A 22 18.80 12.77 45.10
C ASP A 22 18.58 12.45 46.58
N CYS A 23 18.74 11.18 46.92
CA CYS A 23 18.52 10.71 48.29
C CYS A 23 19.74 10.96 49.18
N LYS A 24 20.92 10.55 48.71
CA LYS A 24 22.14 10.66 49.51
C LYS A 24 22.67 12.09 49.54
N LYS A 25 22.14 12.94 48.67
CA LYS A 25 22.55 14.34 48.63
C LYS A 25 21.65 15.20 49.53
N ALA A 26 20.43 14.72 49.77
CA ALA A 26 19.51 15.44 50.65
C ALA A 26 19.63 14.90 52.06
N LEU A 27 20.51 13.91 52.21
CA LEU A 27 20.74 13.29 53.50
C LEU A 27 22.08 13.80 54.02
N THR A 28 23.06 13.86 53.11
CA THR A 28 24.37 14.37 53.45
C THR A 28 24.22 15.80 53.99
N GLU A 29 23.37 16.59 53.34
CA GLU A 29 23.19 18.00 53.68
C GLU A 29 22.08 18.24 54.70
N ALA A 30 22.05 17.40 55.74
CA ALA A 30 21.14 17.56 56.86
C ALA A 30 21.64 16.68 57.98
N ASN A 31 22.98 16.55 58.04
CA ASN A 31 23.68 15.69 59.02
C ASN A 31 23.17 14.25 59.03
N GLY A 32 22.25 13.96 58.12
CA GLY A 32 21.69 12.63 58.00
C GLY A 32 20.56 12.38 58.98
N ASP A 33 19.49 13.16 58.88
CA ASP A 33 18.29 12.91 59.68
C ASP A 33 17.11 12.48 58.81
N ILE A 34 16.46 11.40 59.25
CA ILE A 34 15.38 10.75 58.50
C ILE A 34 14.18 11.65 58.24
N GLU A 35 13.23 11.68 59.17
CA GLU A 35 12.03 12.49 58.99
C GLU A 35 12.41 13.91 58.55
N LEU A 36 13.64 14.31 58.87
CA LEU A 36 14.16 15.62 58.49
C LEU A 36 14.43 15.71 56.98
N ALA A 37 15.19 14.76 56.47
CA ALA A 37 15.53 14.73 55.05
C ALA A 37 14.27 14.67 54.18
N ILE A 38 13.35 13.81 54.56
CA ILE A 38 12.07 13.67 53.86
C ILE A 38 11.51 15.05 53.53
N GLU A 39 11.31 15.84 54.58
CA GLU A 39 10.73 17.17 54.43
C GLU A 39 11.59 18.07 53.54
N ASN A 40 12.91 17.97 53.72
CA ASN A 40 13.84 18.79 52.95
C ASN A 40 13.65 18.58 51.45
N MET A 41 13.18 17.39 51.09
CA MET A 41 13.02 17.03 49.69
C MET A 41 11.71 17.57 49.11
N ARG A 42 10.62 17.47 49.88
CA ARG A 42 9.37 18.07 49.47
C ARG A 42 9.65 19.43 48.82
N LYS A 43 10.26 20.33 49.58
CA LYS A 43 10.61 21.67 49.09
C LYS A 43 11.24 21.64 47.70
N SER A 44 12.35 20.92 47.57
CA SER A 44 13.09 20.86 46.30
C SER A 44 12.29 20.20 45.20
N GLY A 45 11.19 19.55 45.57
CA GLY A 45 10.35 18.84 44.62
C GLY A 45 9.72 19.76 43.58
N ALA A 46 8.81 20.61 44.05
CA ALA A 46 8.08 21.51 43.16
C ALA A 46 8.99 22.18 42.13
N ILE A 47 10.25 22.37 42.49
CA ILE A 47 11.20 23.07 41.62
C ILE A 47 11.82 22.16 40.56
N LYS A 48 11.76 20.84 40.78
CA LYS A 48 12.26 19.89 39.78
C LYS A 48 11.21 19.66 38.69
N ALA A 49 9.94 19.63 39.09
CA ALA A 49 8.84 19.56 38.14
C ALA A 49 8.89 20.72 37.15
N ALA A 50 9.84 21.64 37.37
CA ALA A 50 9.98 22.82 36.53
C ALA A 50 10.44 22.52 35.09
N LYS A 51 11.44 21.65 34.96
CA LYS A 51 11.94 21.27 33.64
C LYS A 51 10.93 20.32 32.99
N LYS A 52 9.99 19.85 33.79
CA LYS A 52 8.92 18.99 33.32
C LYS A 52 8.01 19.73 32.34
N ALA A 53 7.55 20.90 32.75
CA ALA A 53 6.73 21.74 31.89
C ALA A 53 7.24 21.72 30.45
N GLY A 54 8.56 21.78 30.30
CA GLY A 54 9.15 21.85 28.97
C GLY A 54 9.21 20.51 28.25
N ASN A 55 8.52 19.52 28.82
CA ASN A 55 8.40 18.21 28.20
C ASN A 55 6.96 17.98 27.74
N VAL A 56 6.77 17.85 26.44
CA VAL A 56 5.44 17.61 25.88
C VAL A 56 4.84 16.28 26.37
N ALA A 57 3.88 16.37 27.28
CA ALA A 57 3.19 15.19 27.80
C ALA A 57 1.93 14.88 27.00
N ALA A 58 2.09 14.19 25.88
CA ALA A 58 0.99 13.95 24.95
C ALA A 58 0.36 12.58 25.10
N ASP A 59 0.76 11.86 26.14
CA ASP A 59 0.13 10.57 26.46
C ASP A 59 -0.64 10.70 27.76
N GLY A 60 -1.17 9.60 28.26
CA GLY A 60 -1.87 9.63 29.52
C GLY A 60 -3.07 8.73 29.45
N VAL A 61 -4.06 9.01 30.28
CA VAL A 61 -5.27 8.19 30.28
C VAL A 61 -6.52 9.05 30.33
N ILE A 62 -7.66 8.41 30.12
CA ILE A 62 -8.94 9.07 30.24
C ILE A 62 -9.81 8.23 31.17
N LYS A 63 -10.54 8.91 32.04
CA LYS A 63 -11.37 8.23 33.02
C LYS A 63 -12.79 8.76 32.97
N THR A 64 -13.73 7.92 33.38
CA THR A 64 -15.12 8.34 33.43
C THR A 64 -15.77 7.68 34.64
N LYS A 65 -16.64 8.45 35.30
CA LYS A 65 -17.50 7.93 36.37
C LYS A 65 -18.88 8.57 36.32
N ILE A 66 -19.90 7.74 36.52
CA ILE A 66 -21.27 8.22 36.56
C ILE A 66 -21.98 7.77 37.85
N ASP A 67 -22.89 8.61 38.34
CA ASP A 67 -23.69 8.29 39.52
C ASP A 67 -25.15 8.64 39.26
N GLY A 68 -25.90 7.65 38.77
CA GLY A 68 -27.28 7.87 38.37
C GLY A 68 -27.45 8.94 37.30
N ASN A 69 -27.35 10.20 37.70
CA ASN A 69 -27.65 11.32 36.83
C ASN A 69 -26.39 12.10 36.48
N TYR A 70 -25.43 12.06 37.38
CA TYR A 70 -24.21 12.82 37.20
C TYR A 70 -23.10 11.92 36.63
N GLY A 71 -22.41 12.44 35.64
CA GLY A 71 -21.25 11.76 35.09
C GLY A 71 -20.18 12.78 34.80
N ILE A 72 -18.93 12.37 34.94
CA ILE A 72 -17.80 13.22 34.58
C ILE A 72 -16.74 12.42 33.84
N ILE A 73 -16.04 13.11 32.95
CA ILE A 73 -14.95 12.51 32.19
C ILE A 73 -13.65 13.28 32.45
N LEU A 74 -12.59 12.53 32.77
CA LEU A 74 -11.31 13.12 33.15
C LEU A 74 -10.17 12.73 32.20
N GLU A 75 -9.30 13.69 31.92
CA GLU A 75 -8.17 13.45 31.04
C GLU A 75 -6.90 13.96 31.72
N VAL A 76 -6.09 13.04 32.23
CA VAL A 76 -4.80 13.44 32.80
C VAL A 76 -3.61 12.88 32.02
N ASN A 77 -2.73 13.78 31.57
CA ASN A 77 -1.61 13.41 30.70
C ASN A 77 -0.32 12.96 31.38
N CYS A 78 0.57 12.38 30.57
CA CYS A 78 1.90 11.99 30.96
C CYS A 78 2.68 11.79 29.67
N GLN A 79 3.93 11.37 29.78
CA GLN A 79 4.80 11.35 28.60
C GLN A 79 4.82 10.02 27.87
N THR A 80 4.50 8.93 28.54
CA THR A 80 4.55 7.60 27.91
C THR A 80 3.44 6.64 28.26
N ASP A 81 3.04 5.86 27.26
CA ASP A 81 2.34 4.58 27.43
C ASP A 81 2.65 3.96 28.78
N PHE A 82 3.94 3.80 29.05
CA PHE A 82 4.41 3.07 30.21
C PHE A 82 3.91 3.63 31.54
N VAL A 83 4.11 4.92 31.80
CA VAL A 83 3.62 5.43 33.08
C VAL A 83 2.10 5.49 33.07
N ALA A 84 1.52 5.73 31.90
CA ALA A 84 0.07 5.62 31.76
C ALA A 84 -0.53 4.34 32.35
N LYS A 85 0.23 3.26 32.44
CA LYS A 85 -0.34 2.04 33.02
C LYS A 85 0.34 1.63 34.33
N ASP A 86 1.20 2.52 34.83
CA ASP A 86 1.81 2.34 36.15
C ASP A 86 0.76 2.49 37.23
N ALA A 87 0.78 1.62 38.24
CA ALA A 87 -0.19 1.65 39.33
C ALA A 87 -0.24 3.02 39.99
N GLY A 88 0.93 3.58 40.22
CA GLY A 88 1.07 4.88 40.84
C GLY A 88 0.22 5.91 40.14
N PHE A 89 0.53 6.13 38.87
CA PHE A 89 -0.20 7.06 38.00
C PHE A 89 -1.69 6.71 37.89
N GLN A 90 -2.00 5.42 37.89
CA GLN A 90 -3.40 5.02 37.86
C GLN A 90 -4.12 5.51 39.10
N ALA A 91 -3.45 5.43 40.25
CA ALA A 91 -4.02 5.84 41.53
C ALA A 91 -4.33 7.34 41.60
N PHE A 92 -3.34 8.15 41.26
CA PHE A 92 -3.50 9.60 41.22
C PHE A 92 -4.72 9.94 40.39
N ALA A 93 -4.70 9.56 39.13
CA ALA A 93 -5.78 9.87 38.21
C ALA A 93 -7.13 9.33 38.71
N ASP A 94 -7.12 8.16 39.32
CA ASP A 94 -8.34 7.66 39.93
C ASP A 94 -8.83 8.58 41.04
N LYS A 95 -7.99 8.81 42.04
CA LYS A 95 -8.30 9.74 43.12
C LYS A 95 -8.87 11.08 42.62
N VAL A 96 -8.12 11.77 41.74
CA VAL A 96 -8.59 13.03 41.17
C VAL A 96 -9.97 12.84 40.54
N LEU A 97 -10.15 11.72 39.84
CA LEU A 97 -11.44 11.35 39.27
C LEU A 97 -12.47 11.28 40.40
N ASP A 98 -12.37 10.23 41.23
CA ASP A 98 -13.27 10.03 42.36
C ASP A 98 -13.55 11.34 43.12
N ALA A 99 -12.51 11.95 43.66
CA ALA A 99 -12.68 13.20 44.38
C ALA A 99 -13.11 14.37 43.46
N ALA A 100 -13.58 14.06 42.26
CA ALA A 100 -14.17 15.08 41.38
C ALA A 100 -15.63 14.77 41.03
N VAL A 101 -16.07 13.57 41.41
CA VAL A 101 -17.47 13.20 41.24
C VAL A 101 -18.32 13.79 42.37
N ALA A 102 -18.04 13.35 43.60
CA ALA A 102 -18.73 13.84 44.79
C ALA A 102 -18.65 15.36 44.86
N GLY A 103 -17.42 15.88 44.75
CA GLY A 103 -17.21 17.30 44.64
C GLY A 103 -17.30 17.68 43.17
N LYS A 104 -18.51 17.66 42.63
CA LYS A 104 -18.76 17.92 41.22
C LYS A 104 -17.99 19.13 40.67
N ILE A 105 -16.73 18.92 40.31
CA ILE A 105 -15.90 20.01 39.80
C ILE A 105 -16.04 20.14 38.28
N THR A 106 -15.81 21.36 37.78
CA THR A 106 -15.93 21.64 36.36
C THR A 106 -14.81 22.59 35.98
N ASP A 107 -14.53 23.52 36.88
CA ASP A 107 -13.42 24.44 36.69
C ASP A 107 -12.15 23.62 36.84
N VAL A 108 -11.52 23.32 35.71
CA VAL A 108 -10.33 22.49 35.73
C VAL A 108 -9.37 22.97 36.80
N GLU A 109 -9.09 24.27 36.79
CA GLU A 109 -8.09 24.88 37.66
C GLU A 109 -8.33 24.59 39.14
N VAL A 110 -9.59 24.48 39.54
CA VAL A 110 -9.92 24.17 40.93
C VAL A 110 -9.44 22.77 41.26
N LEU A 111 -9.57 21.89 40.28
CA LEU A 111 -9.15 20.50 40.40
C LEU A 111 -7.63 20.42 40.37
N LYS A 112 -7.07 21.07 39.35
CA LYS A 112 -5.64 21.11 39.10
C LYS A 112 -4.86 21.74 40.27
N ALA A 113 -5.60 22.16 41.31
CA ALA A 113 -5.00 22.94 42.38
C ALA A 113 -5.09 22.27 43.74
N GLN A 114 -6.23 21.65 44.05
CA GLN A 114 -6.36 20.96 45.32
C GLN A 114 -5.55 19.67 45.29
N PHE A 115 -4.83 19.47 44.17
CA PHE A 115 -3.98 18.31 43.97
C PHE A 115 -2.50 18.66 43.76
N GLU A 116 -2.22 19.88 43.30
CA GLU A 116 -0.87 20.29 42.93
C GLU A 116 0.26 19.83 43.84
N GLU A 117 -0.03 19.72 45.13
CA GLU A 117 0.99 19.26 46.06
C GLU A 117 1.27 17.76 45.86
N GLU A 118 0.24 17.01 45.49
CA GLU A 118 0.37 15.58 45.23
C GLU A 118 0.94 15.34 43.83
N ARG A 119 0.58 16.22 42.91
CA ARG A 119 1.11 16.15 41.56
C ARG A 119 2.64 16.13 41.56
N VAL A 120 3.24 17.11 42.20
CA VAL A 120 4.70 17.17 42.33
C VAL A 120 5.26 15.96 43.07
N ALA A 121 4.54 15.51 44.09
CA ALA A 121 4.88 14.26 44.77
C ALA A 121 5.11 13.13 43.77
N LEU A 122 4.12 12.91 42.91
CA LEU A 122 4.23 11.86 41.89
C LEU A 122 5.34 12.17 40.89
N VAL A 123 5.30 13.34 40.25
CA VAL A 123 6.34 13.70 39.30
C VAL A 123 7.71 13.31 39.82
N ALA A 124 8.09 13.90 40.95
CA ALA A 124 9.38 13.63 41.57
C ALA A 124 9.73 12.14 41.47
N LYS A 125 8.81 11.29 41.93
CA LYS A 125 9.04 9.85 41.88
C LYS A 125 9.23 9.36 40.45
N ILE A 126 8.26 9.63 39.60
CA ILE A 126 8.24 9.09 38.25
C ILE A 126 9.29 9.70 37.32
N GLY A 127 9.45 11.01 37.39
CA GLY A 127 10.46 11.69 36.58
C GLY A 127 9.92 12.02 35.21
N GLU A 128 8.59 12.14 35.11
CA GLU A 128 7.93 12.51 33.87
C GLU A 128 6.91 13.63 34.10
N ASN A 129 6.79 14.54 33.14
CA ASN A 129 5.78 15.59 33.20
C ASN A 129 4.41 14.95 33.35
N ILE A 130 3.61 15.46 34.28
CA ILE A 130 2.28 14.89 34.54
C ILE A 130 1.29 15.98 34.87
N ASN A 131 0.60 16.50 33.87
CA ASN A 131 -0.40 17.55 34.09
C ASN A 131 -1.84 17.12 33.79
N ILE A 132 -2.72 17.36 34.76
CA ILE A 132 -4.15 17.26 34.53
C ILE A 132 -4.52 18.22 33.40
N ARG A 133 -5.63 17.96 32.73
CA ARG A 133 -5.94 18.67 31.50
C ARG A 133 -7.43 18.97 31.36
N ARG A 134 -8.06 18.37 30.36
CA ARG A 134 -9.49 18.52 30.18
C ARG A 134 -10.21 17.99 31.42
N VAL A 135 -11.39 18.55 31.67
CA VAL A 135 -12.34 17.99 32.63
C VAL A 135 -13.68 18.62 32.32
N ALA A 136 -14.71 17.80 32.37
CA ALA A 136 -16.05 18.22 31.99
C ALA A 136 -17.06 17.30 32.62
N ALA A 137 -18.29 17.77 32.71
CA ALA A 137 -19.34 17.04 33.36
C ALA A 137 -20.56 17.11 32.49
N LEU A 138 -21.41 16.08 32.58
CA LEU A 138 -22.59 16.00 31.76
C LEU A 138 -23.70 15.35 32.56
N GLU A 139 -24.88 15.96 32.55
CA GLU A 139 -26.02 15.44 33.30
C GLU A 139 -27.21 15.18 32.38
N GLY A 140 -27.92 14.09 32.63
CA GLY A 140 -29.05 13.75 31.79
C GLY A 140 -30.03 12.83 32.47
N ASP A 141 -31.24 12.79 31.92
CA ASP A 141 -32.32 11.98 32.47
C ASP A 141 -31.99 10.51 32.27
N VAL A 142 -30.98 10.28 31.43
CA VAL A 142 -30.34 8.97 31.31
C VAL A 142 -28.97 9.21 30.68
N LEU A 143 -27.94 8.70 31.31
CA LEU A 143 -26.62 8.76 30.70
C LEU A 143 -25.81 7.49 30.99
N GLY A 144 -24.91 7.20 30.07
CA GLY A 144 -24.09 6.01 30.14
C GLY A 144 -22.74 6.33 29.57
N SER A 145 -21.78 5.46 29.85
CA SER A 145 -20.42 5.69 29.41
C SER A 145 -19.84 4.49 28.68
N TYR A 146 -18.77 4.75 27.96
CA TYR A 146 -17.96 3.70 27.42
C TYR A 146 -16.53 4.21 27.41
N GLN A 147 -15.60 3.34 27.74
CA GLN A 147 -14.26 3.68 27.35
C GLN A 147 -13.49 2.57 26.68
N HIS A 148 -12.62 3.02 25.77
CA HIS A 148 -11.90 2.16 24.87
C HIS A 148 -10.49 2.05 25.41
N GLY A 149 -10.28 1.08 26.28
CA GLY A 149 -9.07 1.05 27.08
C GLY A 149 -8.99 2.38 27.80
N ALA A 150 -7.92 3.11 27.59
CA ALA A 150 -7.82 4.42 28.20
C ALA A 150 -7.57 5.52 27.16
N ARG A 151 -7.53 5.13 25.88
CA ARG A 151 -7.28 6.07 24.79
C ARG A 151 -8.48 6.99 24.53
N ILE A 152 -9.67 6.48 24.75
CA ILE A 152 -10.87 7.27 24.50
C ILE A 152 -11.94 6.98 25.52
N GLY A 153 -12.54 8.04 26.06
CA GLY A 153 -13.72 7.88 26.89
C GLY A 153 -14.83 8.77 26.38
N VAL A 154 -16.08 8.31 26.49
CA VAL A 154 -17.23 9.16 26.16
C VAL A 154 -18.36 9.11 27.17
N LEU A 155 -19.05 10.24 27.28
CA LEU A 155 -20.27 10.35 28.06
C LEU A 155 -21.46 10.59 27.14
N VAL A 156 -22.48 9.77 27.29
CA VAL A 156 -23.69 9.95 26.51
C VAL A 156 -24.89 10.25 27.40
N ALA A 157 -25.59 11.34 27.09
CA ALA A 157 -26.79 11.70 27.84
C ALA A 157 -28.03 11.72 26.93
N ALA A 158 -29.01 10.90 27.28
CA ALA A 158 -30.19 10.73 26.45
C ALA A 158 -31.49 10.71 27.25
N LYS A 159 -32.47 11.47 26.78
CA LYS A 159 -33.82 11.44 27.34
C LYS A 159 -34.67 10.41 26.62
N GLY A 160 -35.40 9.61 27.38
CA GLY A 160 -36.32 8.64 26.81
C GLY A 160 -35.53 7.51 26.19
N ALA A 161 -34.27 7.39 26.59
CA ALA A 161 -33.46 6.29 26.12
C ALA A 161 -33.47 5.18 27.17
N ASP A 162 -32.86 4.04 26.85
CA ASP A 162 -32.59 3.03 27.87
C ASP A 162 -31.10 2.72 28.06
N GLU A 163 -30.82 1.66 28.80
CA GLU A 163 -29.47 1.33 29.25
C GLU A 163 -28.56 0.81 28.15
N GLU A 164 -28.92 -0.35 27.59
CA GLU A 164 -28.18 -0.92 26.49
C GLU A 164 -28.06 0.12 25.37
N LEU A 165 -29.13 0.86 25.16
CA LEU A 165 -29.17 1.82 24.07
C LEU A 165 -28.09 2.90 24.17
N VAL A 166 -27.73 3.32 25.39
CA VAL A 166 -26.73 4.39 25.55
C VAL A 166 -25.31 3.85 25.59
N LYS A 167 -25.14 2.61 26.05
CA LYS A 167 -23.89 1.91 25.83
C LYS A 167 -23.57 2.06 24.33
N HIS A 168 -24.44 1.49 23.50
CA HIS A 168 -24.29 1.50 22.04
C HIS A 168 -24.01 2.87 21.41
N ILE A 169 -24.79 3.88 21.78
CA ILE A 169 -24.53 5.23 21.31
C ILE A 169 -23.16 5.76 21.82
N ALA A 170 -22.83 5.35 23.05
CA ALA A 170 -21.56 5.76 23.64
C ALA A 170 -20.39 5.14 22.89
N MET A 171 -20.55 3.87 22.52
CA MET A 171 -19.59 3.16 21.66
C MET A 171 -19.49 3.83 20.29
N HIS A 172 -20.65 4.16 19.71
CA HIS A 172 -20.65 4.86 18.44
C HIS A 172 -19.92 6.19 18.51
N VAL A 173 -20.08 6.93 19.61
CA VAL A 173 -19.43 8.23 19.76
C VAL A 173 -17.91 8.11 19.81
N ALA A 174 -17.44 6.99 20.34
CA ALA A 174 -16.02 6.72 20.40
C ALA A 174 -15.53 6.31 19.03
N ALA A 175 -16.36 5.61 18.28
CA ALA A 175 -16.02 5.23 16.93
C ALA A 175 -16.04 6.44 15.98
N SER A 176 -17.17 7.10 15.81
CA SER A 176 -17.28 8.09 14.73
C SER A 176 -17.11 9.57 15.12
N LYS A 177 -16.68 9.80 16.36
CA LYS A 177 -16.44 11.15 16.90
C LYS A 177 -17.13 12.32 16.19
N PRO A 178 -18.46 12.43 16.30
CA PRO A 178 -19.22 13.54 15.76
C PRO A 178 -19.10 14.83 16.59
N GLU A 179 -19.08 15.98 15.94
CA GLU A 179 -18.96 17.26 16.64
C GLU A 179 -20.29 17.77 17.20
N PHE A 180 -21.38 17.54 16.48
CA PHE A 180 -22.67 18.06 16.90
C PHE A 180 -23.66 16.93 17.08
N ILE A 181 -24.74 17.21 17.78
CA ILE A 181 -25.71 16.17 18.08
C ILE A 181 -26.77 16.11 17.00
N LYS A 182 -26.97 17.21 16.29
CA LYS A 182 -27.96 17.27 15.22
C LYS A 182 -27.46 18.11 14.07
N PRO A 183 -27.87 17.78 12.85
CA PRO A 183 -27.36 18.53 11.68
C PRO A 183 -27.68 20.02 11.79
N GLU A 184 -28.69 20.33 12.60
CA GLU A 184 -29.18 21.71 12.71
C GLU A 184 -28.48 22.47 13.83
N ASP A 185 -27.54 21.79 14.50
CA ASP A 185 -26.81 22.37 15.61
C ASP A 185 -25.54 23.06 15.16
N VAL A 186 -25.10 22.75 13.95
CA VAL A 186 -23.89 23.36 13.42
C VAL A 186 -24.08 24.87 13.39
N SER A 187 -23.16 25.60 14.03
CA SER A 187 -23.31 27.04 14.12
C SER A 187 -23.76 27.61 12.78
N ALA A 188 -24.95 28.18 12.76
CA ALA A 188 -25.50 28.77 11.54
C ALA A 188 -24.55 29.83 10.97
N GLU A 189 -23.29 29.79 11.43
CA GLU A 189 -22.24 30.61 10.85
C GLU A 189 -20.98 29.80 10.57
N VAL A 190 -20.65 28.88 11.46
CA VAL A 190 -19.50 27.99 11.28
C VAL A 190 -19.53 27.38 9.88
N VAL A 191 -20.73 27.20 9.36
CA VAL A 191 -20.89 26.64 8.02
C VAL A 191 -20.95 27.73 6.96
N GLU A 192 -21.61 28.84 7.26
CA GLU A 192 -21.79 29.92 6.28
C GLU A 192 -20.47 30.37 5.67
N LYS A 193 -19.37 30.12 6.39
CA LYS A 193 -18.04 30.35 5.86
C LYS A 193 -17.79 29.36 4.73
N GLU A 194 -17.95 28.08 5.04
CA GLU A 194 -17.76 27.01 4.06
C GLU A 194 -18.61 27.19 2.80
N TYR A 195 -19.67 27.99 2.90
CA TYR A 195 -20.60 28.19 1.77
C TYR A 195 -20.29 29.42 0.94
N GLN A 196 -19.68 30.43 1.56
CA GLN A 196 -19.26 31.61 0.81
C GLN A 196 -17.94 31.30 0.13
N VAL A 197 -17.12 30.51 0.82
CA VAL A 197 -15.82 30.12 0.29
C VAL A 197 -15.96 29.10 -0.82
N GLN A 198 -16.86 28.14 -0.64
CA GLN A 198 -17.02 27.03 -1.59
C GLN A 198 -17.94 27.35 -2.79
N LEU A 199 -18.74 28.41 -2.69
CA LEU A 199 -19.55 28.87 -3.83
C LEU A 199 -18.67 29.45 -4.95
N ASP A 200 -17.53 30.02 -4.55
CA ASP A 200 -16.55 30.48 -5.54
C ASP A 200 -15.79 29.33 -6.17
N ILE A 201 -15.28 28.41 -5.34
CA ILE A 201 -14.63 27.18 -5.81
C ILE A 201 -15.36 26.63 -7.04
N ALA A 202 -16.69 26.72 -6.98
CA ALA A 202 -17.56 26.17 -8.00
C ALA A 202 -17.93 27.20 -9.06
N MET A 203 -18.14 28.45 -8.63
CA MET A 203 -18.48 29.51 -9.56
C MET A 203 -17.29 29.86 -10.47
N GLN A 204 -16.09 29.60 -9.96
CA GLN A 204 -14.85 29.85 -10.72
C GLN A 204 -14.49 28.74 -11.71
N SER A 205 -15.26 27.65 -11.71
CA SER A 205 -15.15 26.66 -12.78
C SER A 205 -15.95 27.17 -13.99
N GLY A 206 -16.78 28.18 -13.76
CA GLY A 206 -17.67 28.71 -14.79
C GLY A 206 -19.10 28.19 -14.66
N LYS A 207 -19.32 27.22 -13.77
CA LYS A 207 -20.67 26.73 -13.53
C LYS A 207 -21.58 27.92 -13.24
N PRO A 208 -22.69 28.03 -13.99
CA PRO A 208 -23.73 29.06 -13.77
C PRO A 208 -24.30 29.03 -12.34
N LYS A 209 -24.46 30.20 -11.75
CA LYS A 209 -24.76 30.33 -10.32
C LYS A 209 -25.58 29.16 -9.77
N GLU A 210 -26.86 29.15 -10.09
CA GLU A 210 -27.79 28.11 -9.60
C GLU A 210 -27.17 26.70 -9.54
N ILE A 211 -26.23 26.42 -10.45
CA ILE A 211 -25.58 25.11 -10.52
C ILE A 211 -24.57 24.95 -9.40
N ALA A 212 -23.64 25.90 -9.33
CA ALA A 212 -22.63 25.84 -8.29
C ALA A 212 -23.31 25.96 -6.93
N GLU A 213 -24.39 26.73 -6.90
CA GLU A 213 -25.14 26.95 -5.68
C GLU A 213 -25.77 25.64 -5.23
N LYS A 214 -26.53 25.01 -6.11
CA LYS A 214 -27.21 23.75 -5.79
C LYS A 214 -26.22 22.64 -5.40
N MET A 215 -25.08 22.59 -6.09
CA MET A 215 -24.03 21.63 -5.75
C MET A 215 -23.43 21.90 -4.37
N VAL A 216 -23.12 23.17 -4.09
CA VAL A 216 -22.57 23.52 -2.79
C VAL A 216 -23.62 23.29 -1.70
N GLU A 217 -24.88 23.55 -2.04
CA GLU A 217 -25.98 23.26 -1.12
C GLU A 217 -26.00 21.77 -0.80
N GLY A 218 -26.11 20.94 -1.83
CA GLY A 218 -26.14 19.51 -1.64
C GLY A 218 -24.88 19.01 -0.96
N ARG A 219 -23.75 19.56 -1.38
CA ARG A 219 -22.46 19.19 -0.83
C ARG A 219 -22.41 19.42 0.68
N MET A 220 -23.03 20.51 1.13
CA MET A 220 -22.96 20.93 2.53
C MET A 220 -23.97 20.22 3.40
N LYS A 221 -25.14 19.94 2.84
CA LYS A 221 -26.12 19.08 3.50
C LYS A 221 -25.41 17.80 3.93
N LYS A 222 -24.53 17.29 3.06
CA LYS A 222 -23.71 16.12 3.34
C LYS A 222 -22.68 16.43 4.42
N PHE A 223 -21.77 17.34 4.12
CA PHE A 223 -20.76 17.86 5.06
C PHE A 223 -21.30 17.97 6.48
N THR A 224 -22.59 18.27 6.63
CA THR A 224 -23.16 18.49 7.95
C THR A 224 -23.59 17.19 8.63
N GLY A 225 -24.25 16.32 7.89
CA GLY A 225 -24.83 15.11 8.45
C GLY A 225 -23.77 14.15 8.92
N GLU A 226 -22.61 14.18 8.26
CA GLU A 226 -21.52 13.28 8.57
C GLU A 226 -20.88 13.59 9.93
N VAL A 227 -20.72 14.88 10.19
CA VAL A 227 -20.05 15.37 11.38
C VAL A 227 -21.04 15.55 12.53
N SER A 228 -22.16 14.86 12.44
CA SER A 228 -23.23 15.04 13.42
C SER A 228 -23.87 13.71 13.76
N LEU A 229 -23.97 13.43 15.05
CA LEU A 229 -24.50 12.16 15.54
C LEU A 229 -25.66 11.65 14.70
N THR A 230 -26.57 12.56 14.33
CA THR A 230 -27.85 12.20 13.74
C THR A 230 -27.76 11.56 12.35
N GLY A 231 -26.96 12.17 11.47
CA GLY A 231 -26.76 11.67 10.13
C GLY A 231 -25.47 10.87 9.96
N GLN A 232 -25.17 10.00 10.92
CA GLN A 232 -24.02 9.11 10.88
C GLN A 232 -24.51 7.68 10.87
N PRO A 233 -24.03 6.87 9.91
CA PRO A 233 -24.46 5.48 9.93
C PRO A 233 -24.12 4.84 11.27
N PHE A 234 -25.12 4.33 11.96
CA PHE A 234 -24.92 3.68 13.24
C PHE A 234 -23.94 2.51 13.10
N VAL A 235 -22.78 2.63 13.75
CA VAL A 235 -21.74 1.60 13.64
C VAL A 235 -22.21 0.16 13.88
N MET A 236 -23.23 -0.05 14.70
CA MET A 236 -23.67 -1.42 15.00
C MET A 236 -24.70 -1.95 13.99
N GLU A 237 -24.92 -1.14 12.96
CA GLU A 237 -25.83 -1.46 11.87
C GLU A 237 -25.85 -0.23 11.00
N PRO A 238 -24.82 -0.10 10.14
CA PRO A 238 -24.57 1.16 9.40
C PRO A 238 -25.46 1.33 8.17
N SER A 239 -26.55 0.57 8.10
CA SER A 239 -27.56 0.80 7.08
C SER A 239 -28.52 1.90 7.55
N LYS A 240 -28.98 1.82 8.80
CA LYS A 240 -29.75 2.91 9.39
C LYS A 240 -28.87 3.84 10.23
N THR A 241 -29.18 5.13 10.28
CA THR A 241 -28.36 6.08 11.05
C THR A 241 -28.80 6.19 12.51
N VAL A 242 -28.05 6.99 13.27
CA VAL A 242 -28.29 7.18 14.70
C VAL A 242 -29.60 7.93 14.93
N GLY A 243 -29.79 8.99 14.15
CA GLY A 243 -31.06 9.68 14.15
C GLY A 243 -32.20 8.69 13.98
N GLN A 244 -32.18 7.94 12.87
CA GLN A 244 -33.22 6.93 12.65
C GLN A 244 -33.23 5.87 13.75
N LEU A 245 -32.07 5.56 14.33
CA LEU A 245 -31.99 4.56 15.39
C LEU A 245 -32.71 5.04 16.63
N LEU A 246 -32.46 6.30 16.98
CA LEU A 246 -33.12 6.93 18.11
C LEU A 246 -34.63 6.88 17.92
N LYS A 247 -35.10 7.49 16.83
CA LYS A 247 -36.52 7.62 16.55
C LYS A 247 -37.33 6.30 16.66
N GLU A 248 -36.68 5.15 16.49
CA GLU A 248 -37.35 3.86 16.65
C GLU A 248 -37.36 3.45 18.12
N HIS A 249 -36.78 4.31 18.95
CA HIS A 249 -36.77 4.09 20.38
C HIS A 249 -37.33 5.33 21.07
N ASN A 250 -38.03 6.14 20.29
CA ASN A 250 -38.65 7.38 20.78
C ASN A 250 -37.69 8.22 21.62
N ALA A 251 -36.40 8.00 21.39
CA ALA A 251 -35.36 8.56 22.24
C ALA A 251 -34.76 9.83 21.66
N GLU A 252 -34.07 10.58 22.51
CA GLU A 252 -33.40 11.83 22.13
C GLU A 252 -32.05 11.86 22.85
N VAL A 253 -31.09 12.61 22.32
CA VAL A 253 -29.78 12.71 22.95
C VAL A 253 -29.54 14.14 23.41
N THR A 254 -29.53 14.31 24.74
CA THR A 254 -29.33 15.60 25.38
C THR A 254 -28.02 16.21 24.95
N GLY A 255 -26.98 15.37 24.95
CA GLY A 255 -25.64 15.77 24.59
C GLY A 255 -24.62 14.68 24.89
N PHE A 256 -23.37 14.91 24.48
CA PHE A 256 -22.32 13.92 24.67
C PHE A 256 -20.96 14.57 24.88
N ILE A 257 -20.10 13.89 25.63
CA ILE A 257 -18.70 14.29 25.68
C ILE A 257 -17.85 13.13 25.19
N ARG A 258 -16.90 13.40 24.29
CA ARG A 258 -15.82 12.43 24.04
C ARG A 258 -14.43 13.07 24.02
N PHE A 259 -13.60 12.63 24.95
CA PHE A 259 -12.19 13.03 25.04
C PHE A 259 -11.31 11.92 24.49
N GLU A 260 -10.23 12.31 23.82
CA GLU A 260 -9.24 11.34 23.36
C GLU A 260 -7.83 11.76 23.83
N VAL A 261 -7.12 10.84 24.47
CA VAL A 261 -5.79 11.13 25.00
C VAL A 261 -4.90 11.90 24.04
N GLY A 262 -4.42 13.05 24.48
CA GLY A 262 -3.46 13.82 23.70
C GLY A 262 -4.04 14.45 22.44
N GLU A 263 -5.35 14.63 22.43
CA GLU A 263 -6.01 15.38 21.36
C GLU A 263 -5.38 16.77 21.24
N GLY A 264 -5.14 17.22 20.02
CA GLY A 264 -4.62 18.56 19.81
C GLY A 264 -3.37 18.91 20.59
N ILE A 265 -2.56 17.91 20.93
CA ILE A 265 -1.19 18.16 21.34
C ILE A 265 -0.33 17.61 20.22
N GLU A 266 0.48 18.46 19.60
CA GLU A 266 1.20 18.06 18.39
C GLU A 266 2.11 16.83 18.57
N LYS A 267 3.06 16.94 19.50
CA LYS A 267 4.03 15.87 19.77
C LYS A 267 5.09 15.76 18.67
N VAL A 268 6.05 16.69 18.69
CA VAL A 268 7.16 16.66 17.75
C VAL A 268 7.70 15.24 17.58
N GLU A 269 7.75 14.78 16.32
CA GLU A 269 8.14 13.40 16.01
C GLU A 269 9.56 13.06 16.47
N THR A 270 9.80 11.78 16.71
CA THR A 270 11.12 11.32 17.16
C THR A 270 11.79 10.39 16.15
N ASP A 271 12.86 10.87 15.54
CA ASP A 271 13.65 9.99 14.69
C ASP A 271 14.87 9.45 15.43
N PHE A 272 14.73 8.22 15.93
CA PHE A 272 15.77 7.58 16.74
C PHE A 272 17.10 7.40 15.98
N ALA A 273 17.08 6.67 14.87
CA ALA A 273 18.29 6.44 14.09
C ALA A 273 19.14 7.71 13.93
N ALA A 274 18.50 8.82 13.59
CA ALA A 274 19.22 10.07 13.50
C ALA A 274 19.66 10.51 14.88
N GLU A 275 18.70 10.81 15.74
CA GLU A 275 18.98 11.32 17.08
C GLU A 275 20.26 10.73 17.64
N VAL A 276 20.49 9.45 17.37
CA VAL A 276 21.71 8.78 17.81
C VAL A 276 22.90 9.24 17.00
N ALA A 277 22.84 9.03 15.68
CA ALA A 277 23.89 9.49 14.78
C ALA A 277 24.28 10.95 15.03
N ALA A 278 23.39 11.70 15.67
CA ALA A 278 23.59 13.12 15.96
C ALA A 278 24.51 13.35 17.15
N MET A 279 24.81 12.29 17.89
CA MET A 279 25.73 12.34 19.04
C MET A 279 27.03 11.60 18.70
N SER A 280 26.90 10.58 17.86
CA SER A 280 28.04 9.87 17.34
C SER A 280 28.83 10.81 16.42
N LYS A 281 28.44 12.09 16.41
CA LYS A 281 29.12 13.13 15.65
C LYS A 281 29.95 14.04 16.57
N GLN A 282 29.29 14.60 17.57
CA GLN A 282 29.97 15.48 18.54
C GLN A 282 31.20 14.81 19.17
N SER A 283 31.49 13.58 18.75
CA SER A 283 32.64 12.85 19.29
C SER A 283 33.38 11.99 18.25
N HIS A 284 32.68 11.50 17.23
CA HIS A 284 33.33 10.68 16.20
C HIS A 284 34.28 11.56 15.39
N MET A 285 34.11 12.87 15.55
CA MET A 285 35.02 13.87 15.00
C MET A 285 36.42 13.72 15.61
N SER A 286 36.45 13.12 16.81
CA SER A 286 37.66 12.91 17.60
C SER A 286 37.98 14.12 18.49
N PHE A 290 34.73 -15.95 2.45
CA PHE A 290 33.84 -14.84 2.77
C PHE A 290 33.37 -14.85 4.22
N GLU A 291 33.55 -13.73 4.92
CA GLU A 291 33.07 -13.58 6.30
C GLU A 291 31.90 -12.59 6.35
N ARG A 292 31.02 -12.72 5.36
CA ARG A 292 29.80 -11.93 5.29
C ARG A 292 28.63 -12.81 5.72
N THR A 293 28.94 -13.86 6.47
CA THR A 293 27.96 -14.85 6.87
C THR A 293 27.65 -14.76 8.37
N LYS A 294 28.00 -13.64 8.98
CA LYS A 294 27.76 -13.49 10.42
C LYS A 294 26.26 -13.40 10.70
N PRO A 295 25.84 -13.96 11.85
CA PRO A 295 24.42 -14.08 12.17
C PRO A 295 23.84 -12.73 12.51
N HIS A 296 22.57 -12.50 12.16
CA HIS A 296 21.90 -11.25 12.47
C HIS A 296 21.23 -11.41 13.82
N VAL A 297 21.42 -10.43 14.69
CA VAL A 297 20.80 -10.44 16.00
C VAL A 297 20.07 -9.13 16.24
N ASN A 298 18.80 -9.22 16.60
CA ASN A 298 17.99 -8.02 16.85
C ASN A 298 17.88 -7.69 18.32
N VAL A 299 18.33 -6.52 18.69
CA VAL A 299 18.25 -6.10 20.07
C VAL A 299 17.43 -4.83 20.22
N GLY A 300 16.77 -4.70 21.35
CA GLY A 300 16.02 -3.50 21.64
C GLY A 300 16.57 -2.82 22.86
N THR A 301 16.32 -1.52 22.94
CA THR A 301 16.74 -0.74 24.09
C THR A 301 15.44 -0.25 24.74
N ILE A 302 15.43 -0.14 26.07
CA ILE A 302 14.19 0.14 26.76
C ILE A 302 14.45 0.64 28.18
N GLY A 303 13.82 1.74 28.54
CA GLY A 303 13.93 2.28 29.87
C GLY A 303 13.34 3.66 30.02
N HIS A 304 13.78 4.40 31.04
CA HIS A 304 13.20 5.70 31.33
C HIS A 304 13.59 6.76 30.29
N VAL A 305 12.61 7.59 29.95
CA VAL A 305 12.78 8.62 28.93
C VAL A 305 14.14 9.30 28.97
N ASP A 306 14.54 9.81 30.15
CA ASP A 306 15.84 10.46 30.26
C ASP A 306 16.89 9.71 31.11
N HIS A 307 16.93 8.38 30.97
CA HIS A 307 17.94 7.60 31.68
C HIS A 307 19.13 7.25 30.80
N GLY A 308 18.97 7.40 29.48
CA GLY A 308 20.10 7.34 28.58
C GLY A 308 20.07 6.30 27.48
N LYS A 309 18.89 5.84 27.10
CA LYS A 309 18.78 4.86 26.02
C LYS A 309 19.51 5.32 24.77
N THR A 310 19.36 6.60 24.45
CA THR A 310 19.91 7.12 23.20
C THR A 310 21.42 7.34 23.27
N THR A 311 21.88 8.08 24.27
CA THR A 311 23.30 8.36 24.38
C THR A 311 24.05 7.04 24.48
N LEU A 312 23.37 6.01 25.01
CA LEU A 312 23.98 4.68 25.09
C LEU A 312 24.14 4.05 23.71
N THR A 313 23.14 4.20 22.85
CA THR A 313 23.22 3.62 21.51
C THR A 313 24.30 4.32 20.69
N ALA A 314 24.59 5.56 21.06
CA ALA A 314 25.72 6.26 20.49
C ALA A 314 26.98 5.51 20.92
N ALA A 315 27.24 5.52 22.22
CA ALA A 315 28.39 4.81 22.77
C ALA A 315 28.54 3.42 22.15
N ILE A 316 27.46 2.68 22.06
CA ILE A 316 27.52 1.34 21.50
C ILE A 316 28.11 1.38 20.10
N THR A 317 27.96 2.51 19.44
CA THR A 317 28.33 2.60 18.03
C THR A 317 29.70 3.21 17.82
N THR A 318 29.98 4.32 18.50
CA THR A 318 31.28 4.91 18.36
C THR A 318 32.31 3.88 18.82
N VAL A 319 32.14 3.37 20.03
CA VAL A 319 33.11 2.47 20.64
C VAL A 319 33.35 1.19 19.83
N LEU A 320 32.27 0.52 19.44
CA LEU A 320 32.37 -0.66 18.57
C LEU A 320 33.01 -0.30 17.23
N ALA A 321 32.92 0.97 16.87
CA ALA A 321 33.54 1.46 15.63
C ALA A 321 35.04 1.53 15.85
N LYS A 322 35.46 2.43 16.74
CA LYS A 322 36.85 2.57 17.17
C LYS A 322 37.55 1.22 17.31
N THR A 323 37.04 0.40 18.21
CA THR A 323 37.60 -0.93 18.43
C THR A 323 37.45 -1.80 17.18
N TYR A 324 36.50 -2.72 17.19
CA TYR A 324 36.36 -3.71 16.11
C TYR A 324 36.13 -3.12 14.70
N GLY A 325 35.96 -4.02 13.72
CA GLY A 325 35.87 -3.66 12.32
C GLY A 325 35.21 -2.31 12.03
N GLY A 326 33.97 -2.36 11.55
CA GLY A 326 33.23 -1.17 11.20
C GLY A 326 32.22 -1.38 10.07
N ASN A 348 12.46 -1.46 9.62
CA ASN A 348 13.54 -1.37 8.63
C ASN A 348 14.11 0.05 8.59
N THR A 349 13.35 0.98 9.16
CA THR A 349 13.78 2.36 9.31
C THR A 349 13.95 2.66 10.79
N SER A 350 14.49 3.84 11.10
CA SER A 350 14.57 4.30 12.49
C SER A 350 15.14 3.19 13.37
N HIS A 351 16.23 2.60 12.91
CA HIS A 351 16.98 1.67 13.74
C HIS A 351 18.47 1.97 13.58
N VAL A 352 19.31 1.17 14.22
CA VAL A 352 20.73 1.32 14.05
C VAL A 352 21.32 -0.06 13.88
N GLU A 353 22.46 -0.14 13.20
CA GLU A 353 23.18 -1.40 13.14
C GLU A 353 24.64 -1.22 13.50
N TYR A 354 25.11 -2.08 14.40
CA TYR A 354 26.53 -2.09 14.77
C TYR A 354 27.11 -3.49 14.70
N ASP A 355 28.44 -3.55 14.56
CA ASP A 355 29.11 -4.81 14.25
C ASP A 355 30.06 -5.31 15.34
N THR A 356 29.99 -6.61 15.59
CA THR A 356 30.87 -7.31 16.52
C THR A 356 31.71 -8.33 15.74
N PRO A 357 32.96 -8.57 16.17
CA PRO A 357 33.82 -9.48 15.39
C PRO A 357 33.10 -10.77 15.04
N THR A 358 32.18 -11.23 15.89
CA THR A 358 31.50 -12.50 15.64
C THR A 358 30.03 -12.36 15.21
N ARG A 359 29.43 -11.20 15.42
CA ARG A 359 28.00 -11.05 15.13
C ARG A 359 27.65 -9.71 14.51
N HIS A 360 26.41 -9.60 14.02
CA HIS A 360 25.92 -8.34 13.48
C HIS A 360 24.62 -7.89 14.14
N TYR A 361 24.57 -6.65 14.64
CA TYR A 361 23.42 -6.20 15.41
C TYR A 361 22.52 -5.15 14.72
N ALA A 362 21.20 -5.35 14.84
CA ALA A 362 20.25 -4.28 14.57
C ALA A 362 19.52 -3.97 15.88
N HIS A 363 19.33 -2.68 16.13
CA HIS A 363 18.94 -2.21 17.44
C HIS A 363 17.79 -1.18 17.34
N VAL A 364 16.66 -1.52 17.96
CA VAL A 364 15.53 -0.58 18.00
C VAL A 364 15.39 0.01 19.38
N ASP A 365 14.76 1.18 19.45
CA ASP A 365 14.40 1.77 20.72
C ASP A 365 12.95 1.35 21.01
N CYS A 366 12.60 1.28 22.28
CA CYS A 366 11.24 0.84 22.64
C CYS A 366 10.57 1.94 23.44
N PRO A 367 10.22 3.03 22.74
CA PRO A 367 9.77 4.29 23.33
C PRO A 367 8.32 4.19 23.81
N GLY A 368 7.58 3.18 23.36
CA GLY A 368 6.22 2.96 23.85
C GLY A 368 5.77 1.52 23.83
N HIS A 369 4.88 1.16 24.74
CA HIS A 369 4.38 -0.21 24.87
C HIS A 369 3.51 -0.64 23.69
N ALA A 370 2.52 0.15 23.35
CA ALA A 370 1.65 -0.20 22.23
C ALA A 370 2.38 -0.15 20.89
N ASP A 371 3.23 0.85 20.68
CA ASP A 371 4.00 0.92 19.44
C ASP A 371 4.84 -0.33 19.27
N TYR A 372 5.49 -0.79 20.34
CA TYR A 372 6.31 -1.97 20.21
C TYR A 372 5.48 -3.22 19.91
N VAL A 373 4.46 -3.46 20.71
CA VAL A 373 3.57 -4.60 20.51
C VAL A 373 3.08 -4.65 19.06
N LYS A 374 2.85 -3.48 18.48
CA LYS A 374 2.39 -3.38 17.12
C LYS A 374 3.47 -3.87 16.18
N ASN A 375 4.63 -3.24 16.22
CA ASN A 375 5.79 -3.66 15.43
C ASN A 375 6.18 -5.14 15.58
N MET A 376 6.08 -5.68 16.78
CA MET A 376 6.36 -7.09 16.97
C MET A 376 5.27 -7.99 16.36
N ILE A 377 4.04 -7.51 16.28
CA ILE A 377 2.98 -8.25 15.57
C ILE A 377 3.29 -8.19 14.10
N THR A 378 3.40 -6.96 13.61
CA THR A 378 3.50 -6.71 12.20
C THR A 378 4.88 -7.06 11.66
N GLY A 379 5.58 -7.95 12.36
CA GLY A 379 6.89 -8.43 11.92
C GLY A 379 7.95 -7.38 11.62
N ALA A 380 7.59 -6.11 11.80
CA ALA A 380 8.46 -5.00 11.44
C ALA A 380 9.45 -4.64 12.55
N ALA A 381 9.67 -5.56 13.47
CA ALA A 381 10.67 -5.40 14.52
C ALA A 381 10.54 -6.43 15.63
N GLN A 382 11.03 -7.65 15.38
CA GLN A 382 11.11 -8.66 16.42
C GLN A 382 12.32 -8.37 17.32
N MET A 383 12.53 -9.21 18.32
CA MET A 383 13.62 -8.96 19.26
C MET A 383 14.21 -10.23 19.82
N ASP A 384 15.53 -10.33 19.70
CA ASP A 384 16.27 -11.48 20.20
C ASP A 384 16.68 -11.23 21.65
N GLY A 385 16.74 -9.97 22.03
CA GLY A 385 17.00 -9.58 23.40
C GLY A 385 16.87 -8.07 23.55
N ALA A 386 16.42 -7.63 24.72
CA ALA A 386 16.34 -6.21 24.99
C ALA A 386 17.51 -5.89 25.88
N ILE A 387 17.95 -4.65 25.87
CA ILE A 387 18.82 -4.16 26.92
C ILE A 387 18.09 -3.08 27.68
N LEU A 388 17.93 -3.32 28.97
CA LEU A 388 17.19 -2.44 29.86
C LEU A 388 18.15 -1.43 30.47
N VAL A 389 17.95 -0.14 30.16
CA VAL A 389 18.85 0.90 30.65
C VAL A 389 18.20 1.69 31.78
N VAL A 390 18.81 1.65 32.96
CA VAL A 390 18.37 2.48 34.06
C VAL A 390 19.57 3.25 34.59
N ALA A 391 19.36 4.50 34.97
CA ALA A 391 20.44 5.30 35.53
C ALA A 391 20.61 4.95 37.00
N ALA A 392 21.86 4.77 37.43
CA ALA A 392 22.16 4.36 38.81
C ALA A 392 21.99 5.51 39.80
N THR A 393 21.94 6.73 39.28
CA THR A 393 21.73 7.92 40.08
C THR A 393 20.29 7.97 40.56
N ASP A 394 19.42 7.28 39.83
CA ASP A 394 18.02 7.20 40.24
C ASP A 394 17.71 5.81 40.75
N GLY A 395 18.23 4.80 40.05
CA GLY A 395 17.80 3.43 40.24
C GLY A 395 16.55 3.19 39.42
N PRO A 396 15.98 1.98 39.52
CA PRO A 396 14.75 1.75 38.77
C PRO A 396 13.67 2.79 39.12
N MET A 397 12.89 3.22 38.13
CA MET A 397 11.75 4.09 38.39
C MET A 397 10.54 3.21 38.59
N PRO A 398 9.47 3.76 39.18
CA PRO A 398 8.21 3.04 39.35
C PRO A 398 7.77 2.31 38.07
N GLN A 399 7.81 3.00 36.93
CA GLN A 399 7.36 2.44 35.68
C GLN A 399 8.37 1.49 35.03
N THR A 400 9.53 1.33 35.65
CA THR A 400 10.49 0.36 35.14
C THR A 400 9.84 -1.04 35.16
N ARG A 401 9.01 -1.25 36.17
CA ARG A 401 8.19 -2.44 36.26
C ARG A 401 7.40 -2.69 34.95
N GLU A 402 6.87 -1.62 34.36
CA GLU A 402 6.07 -1.76 33.15
C GLU A 402 6.95 -2.00 31.92
N HIS A 403 8.18 -1.53 31.97
CA HIS A 403 9.15 -1.84 30.93
C HIS A 403 9.41 -3.34 30.92
N ILE A 404 9.71 -3.87 32.10
CA ILE A 404 10.01 -5.29 32.22
C ILE A 404 8.78 -6.09 31.85
N LEU A 405 7.60 -5.53 32.11
CA LEU A 405 6.37 -6.26 31.84
C LEU A 405 6.10 -6.35 30.35
N LEU A 406 6.64 -5.38 29.60
CA LEU A 406 6.55 -5.37 28.15
C LEU A 406 7.38 -6.54 27.65
N GLY A 407 8.60 -6.65 28.18
CA GLY A 407 9.47 -7.74 27.84
C GLY A 407 8.77 -9.08 27.99
N ARG A 408 8.14 -9.30 29.14
CA ARG A 408 7.46 -10.55 29.41
C ARG A 408 6.31 -10.79 28.46
N GLN A 409 5.51 -9.74 28.22
CA GLN A 409 4.32 -9.86 27.37
C GLN A 409 4.66 -10.05 25.88
N VAL A 410 5.73 -9.44 25.43
CA VAL A 410 6.19 -9.66 24.06
C VAL A 410 7.06 -10.92 23.92
N GLY A 411 7.41 -11.53 25.05
CA GLY A 411 8.17 -12.77 25.05
C GLY A 411 9.63 -12.63 24.70
N VAL A 412 10.18 -11.44 24.88
CA VAL A 412 11.61 -11.27 24.64
C VAL A 412 12.38 -12.37 25.38
N PRO A 413 13.22 -13.12 24.65
CA PRO A 413 13.88 -14.27 25.27
C PRO A 413 14.88 -13.93 26.37
N TYR A 414 15.59 -12.82 26.24
CA TYR A 414 16.64 -12.47 27.19
C TYR A 414 16.72 -10.97 27.41
N ILE A 415 16.99 -10.58 28.65
CA ILE A 415 17.13 -9.17 29.01
C ILE A 415 18.46 -8.94 29.68
N ILE A 416 19.24 -8.02 29.13
CA ILE A 416 20.50 -7.61 29.72
C ILE A 416 20.32 -6.21 30.27
N VAL A 417 20.93 -5.93 31.42
CA VAL A 417 20.82 -4.61 32.05
C VAL A 417 22.10 -3.78 31.95
N PHE A 418 21.96 -2.52 31.55
CA PHE A 418 23.07 -1.56 31.57
C PHE A 418 22.81 -0.47 32.59
N LEU A 419 23.47 -0.58 33.73
CA LEU A 419 23.44 0.48 34.71
C LEU A 419 24.17 1.70 34.15
N ASN A 420 23.51 2.85 34.13
CA ASN A 420 24.12 4.04 33.53
C ASN A 420 24.45 5.15 34.50
N LYS A 421 25.24 6.11 34.03
CA LYS A 421 25.68 7.27 34.82
C LYS A 421 26.24 6.85 36.16
N CYS A 422 27.19 5.92 36.14
CA CYS A 422 27.71 5.35 37.39
C CYS A 422 28.81 6.21 38.00
N ASP A 423 29.36 7.10 37.20
CA ASP A 423 30.35 8.06 37.67
C ASP A 423 29.73 9.06 38.65
N MET A 424 28.49 9.45 38.40
CA MET A 424 27.80 10.42 39.24
C MET A 424 27.28 9.76 40.51
N VAL A 425 27.80 8.57 40.81
CA VAL A 425 27.46 7.89 42.05
C VAL A 425 28.69 7.64 42.89
N ASP A 426 28.85 8.42 43.95
CA ASP A 426 30.07 8.41 44.72
C ASP A 426 30.00 7.45 45.91
N ASP A 427 29.82 6.17 45.62
CA ASP A 427 29.77 5.13 46.64
C ASP A 427 29.45 3.79 46.00
N GLU A 428 30.43 2.88 45.95
CA GLU A 428 30.24 1.58 45.30
C GLU A 428 29.06 0.82 45.91
N GLU A 429 28.91 0.88 47.23
CA GLU A 429 27.87 0.12 47.92
C GLU A 429 26.48 0.61 47.50
N LEU A 430 26.41 1.82 46.95
CA LEU A 430 25.17 2.37 46.43
C LEU A 430 24.83 1.76 45.06
N LEU A 431 25.86 1.49 44.27
CA LEU A 431 25.67 0.75 43.05
C LEU A 431 25.17 -0.66 43.36
N GLU A 432 25.68 -1.28 44.42
CA GLU A 432 25.19 -2.60 44.82
C GLU A 432 23.69 -2.60 45.10
N LEU A 433 23.20 -1.45 45.54
CA LEU A 433 21.80 -1.31 45.95
C LEU A 433 20.87 -1.30 44.74
N VAL A 434 21.13 -0.37 43.83
CA VAL A 434 20.40 -0.30 42.58
C VAL A 434 20.41 -1.67 41.95
N GLU A 435 21.60 -2.21 41.76
CA GLU A 435 21.77 -3.49 41.08
C GLU A 435 20.82 -4.55 41.63
N MET A 436 20.59 -4.53 42.93
CA MET A 436 19.79 -5.60 43.51
C MET A 436 18.28 -5.32 43.43
N GLU A 437 17.90 -4.05 43.35
CA GLU A 437 16.51 -3.72 43.05
C GLU A 437 16.12 -4.29 41.68
N VAL A 438 16.90 -3.98 40.65
CA VAL A 438 16.57 -4.45 39.31
C VAL A 438 16.59 -5.97 39.20
N ARG A 439 17.43 -6.63 40.00
CA ARG A 439 17.39 -8.10 40.03
C ARG A 439 16.07 -8.60 40.62
N GLU A 440 15.48 -7.85 41.55
CA GLU A 440 14.21 -8.29 42.09
C GLU A 440 13.04 -8.06 41.13
N LEU A 441 12.98 -6.88 40.50
CA LEU A 441 11.89 -6.60 39.55
C LEU A 441 11.96 -7.62 38.43
N LEU A 442 13.15 -7.86 37.90
CA LEU A 442 13.32 -8.86 36.87
C LEU A 442 12.72 -10.19 37.31
N SER A 443 13.09 -10.65 38.51
CA SER A 443 12.63 -11.96 38.97
C SER A 443 11.13 -11.93 39.25
N GLN A 444 10.61 -10.75 39.54
CA GLN A 444 9.19 -10.62 39.81
C GLN A 444 8.38 -10.94 38.57
N TYR A 445 9.02 -10.82 37.40
CA TYR A 445 8.35 -11.08 36.12
C TYR A 445 8.98 -12.27 35.42
N ASP A 446 9.45 -13.22 36.21
CA ASP A 446 9.84 -14.54 35.74
C ASP A 446 11.11 -14.55 34.88
N PHE A 447 11.80 -13.43 34.81
CA PHE A 447 13.12 -13.39 34.19
C PHE A 447 14.18 -13.83 35.18
N PRO A 448 15.32 -14.32 34.68
CA PRO A 448 16.39 -14.88 35.52
C PRO A 448 17.21 -13.86 36.34
N GLY A 449 16.57 -13.17 37.28
CA GLY A 449 17.16 -12.07 38.02
C GLY A 449 18.60 -12.22 38.51
N ASP A 450 18.85 -13.34 39.19
CA ASP A 450 20.15 -13.61 39.78
C ASP A 450 21.25 -13.84 38.74
N ASP A 451 20.85 -14.19 37.52
CA ASP A 451 21.83 -14.54 36.50
C ASP A 451 21.98 -13.53 35.38
N THR A 452 21.17 -12.47 35.42
CA THR A 452 21.18 -11.49 34.33
C THR A 452 22.42 -10.63 34.40
N PRO A 453 23.15 -10.53 33.27
CA PRO A 453 24.28 -9.61 33.18
C PRO A 453 23.85 -8.20 33.54
N ILE A 454 24.67 -7.54 34.36
CA ILE A 454 24.44 -6.13 34.64
C ILE A 454 25.75 -5.37 34.51
N VAL A 455 25.72 -4.21 33.85
CA VAL A 455 26.94 -3.49 33.56
C VAL A 455 26.94 -2.11 34.17
N ARG A 456 27.84 -1.88 35.11
CA ARG A 456 28.00 -0.55 35.68
C ARG A 456 28.88 0.27 34.74
N GLY A 457 28.28 1.24 34.08
CA GLY A 457 29.00 2.02 33.09
C GLY A 457 28.50 3.45 32.95
N SER A 458 29.01 4.14 31.93
CA SER A 458 28.53 5.48 31.62
C SER A 458 28.55 5.71 30.12
N ALA A 459 27.40 6.14 29.59
CA ALA A 459 27.30 6.40 28.17
C ALA A 459 28.22 7.56 27.80
N LEU A 460 28.09 8.66 28.53
CA LEU A 460 28.83 9.90 28.25
C LEU A 460 30.35 9.73 28.18
N LYS A 461 30.97 9.29 29.27
CA LYS A 461 32.41 9.12 29.30
C LYS A 461 32.91 8.32 28.09
N ALA A 462 32.14 7.33 27.68
CA ALA A 462 32.52 6.47 26.56
C ALA A 462 32.64 7.22 25.24
N LEU A 463 31.62 8.01 24.91
CA LEU A 463 31.60 8.71 23.63
C LEU A 463 32.61 9.86 23.62
N GLU A 464 32.92 10.37 24.81
CA GLU A 464 33.92 11.42 24.92
C GLU A 464 35.33 10.84 25.18
N GLY A 465 35.48 9.53 24.94
CA GLY A 465 36.76 8.87 25.03
C GLY A 465 37.25 8.74 26.46
N ASP A 466 37.54 7.53 26.88
CA ASP A 466 37.89 7.28 28.27
C ASP A 466 37.96 5.78 28.47
N ALA A 467 39.11 5.21 28.12
CA ALA A 467 39.29 3.75 28.14
C ALA A 467 38.58 3.06 29.29
N GLU A 468 38.57 3.71 30.45
CA GLU A 468 37.88 3.18 31.62
C GLU A 468 36.44 2.85 31.27
N TRP A 469 35.59 3.87 31.25
CA TRP A 469 34.18 3.69 30.97
C TRP A 469 33.94 3.17 29.57
N GLU A 470 34.91 3.42 28.69
CA GLU A 470 34.86 2.95 27.33
C GLU A 470 34.90 1.42 27.24
N ALA A 471 35.65 0.80 28.15
CA ALA A 471 35.76 -0.67 28.16
C ALA A 471 34.50 -1.35 28.69
N LYS A 472 33.65 -0.58 29.37
CA LYS A 472 32.37 -1.08 29.85
C LYS A 472 31.35 -1.29 28.72
N ILE A 473 31.25 -0.33 27.81
CA ILE A 473 30.51 -0.56 26.58
C ILE A 473 31.01 -1.84 25.91
N LEU A 474 32.33 -2.02 25.89
CA LEU A 474 32.90 -3.22 25.30
C LEU A 474 32.40 -4.45 26.05
N GLU A 475 32.38 -4.33 27.38
CA GLU A 475 31.91 -5.38 28.26
C GLU A 475 30.45 -5.75 28.01
N LEU A 476 29.62 -4.74 27.72
CA LEU A 476 28.22 -4.98 27.41
C LEU A 476 28.06 -5.73 26.11
N ALA A 477 28.84 -5.34 25.10
CA ALA A 477 28.76 -5.96 23.78
C ALA A 477 29.19 -7.41 23.84
N GLY A 478 30.05 -7.72 24.79
CA GLY A 478 30.47 -9.09 25.00
C GLY A 478 29.29 -9.90 25.47
N PHE A 479 28.51 -9.28 26.35
CA PHE A 479 27.28 -9.84 26.88
C PHE A 479 26.19 -10.05 25.83
N LEU A 480 26.26 -9.29 24.74
CA LEU A 480 25.41 -9.54 23.58
C LEU A 480 25.93 -10.78 22.84
N ASP A 481 27.23 -10.84 22.62
CA ASP A 481 27.83 -11.96 21.89
C ASP A 481 27.69 -13.27 22.65
N SER A 482 27.61 -13.20 23.98
CA SER A 482 27.71 -14.38 24.81
C SER A 482 26.39 -14.81 25.46
N TYR A 483 25.59 -13.84 25.88
CA TYR A 483 24.34 -14.12 26.61
C TYR A 483 23.11 -14.34 25.71
N ILE A 484 22.99 -13.55 24.64
CA ILE A 484 21.93 -13.77 23.65
C ILE A 484 22.34 -14.90 22.72
N PRO A 485 21.64 -16.04 22.78
CA PRO A 485 22.05 -17.19 21.97
C PRO A 485 21.88 -16.92 20.46
N GLU A 486 22.77 -17.50 19.65
CA GLU A 486 22.74 -17.33 18.21
C GLU A 486 21.45 -17.89 17.62
N PRO A 487 20.70 -17.05 16.88
CA PRO A 487 19.38 -17.44 16.40
C PRO A 487 19.47 -18.50 15.30
N GLU A 488 18.62 -19.51 15.40
CA GLU A 488 18.67 -20.67 14.53
C GLU A 488 18.59 -20.28 13.05
N ARG A 489 19.62 -20.60 12.30
CA ARG A 489 19.66 -20.29 10.88
C ARG A 489 18.56 -21.07 10.14
N ALA A 490 17.94 -20.40 9.17
CA ALA A 490 16.87 -20.99 8.35
C ALA A 490 17.14 -22.42 7.91
N ILE A 491 18.31 -22.64 7.31
CA ILE A 491 18.64 -23.97 6.81
C ILE A 491 18.74 -25.03 7.92
N ASP A 492 18.90 -24.59 9.16
CA ASP A 492 19.10 -25.58 10.23
C ASP A 492 17.80 -26.14 10.79
N LYS A 493 16.68 -25.54 10.42
CA LYS A 493 15.37 -26.01 10.88
C LYS A 493 14.79 -27.08 9.95
N PRO A 494 13.93 -27.94 10.50
CA PRO A 494 13.34 -29.01 9.68
C PRO A 494 12.58 -28.48 8.47
N PHE A 495 12.75 -29.18 7.35
CA PHE A 495 12.23 -28.78 6.05
C PHE A 495 10.76 -28.40 6.04
N LEU A 496 10.48 -27.28 5.40
CA LEU A 496 9.12 -26.81 5.18
C LEU A 496 9.06 -26.01 3.87
N LEU A 497 8.14 -26.38 2.99
CA LEU A 497 7.92 -25.64 1.76
C LEU A 497 6.44 -25.38 1.59
N PRO A 498 6.04 -24.11 1.59
CA PRO A 498 4.62 -23.78 1.47
C PRO A 498 4.14 -23.98 0.03
N ILE A 499 3.09 -24.76 -0.17
CA ILE A 499 2.70 -25.16 -1.52
C ILE A 499 1.90 -24.12 -2.32
N GLU A 500 2.48 -23.62 -3.41
CA GLU A 500 1.80 -22.62 -4.23
C GLU A 500 0.93 -23.17 -5.35
N ASP A 501 1.36 -24.27 -5.96
CA ASP A 501 0.57 -24.90 -7.01
C ASP A 501 0.90 -26.38 -7.14
N VAL A 502 0.04 -27.10 -7.85
CA VAL A 502 0.17 -28.53 -7.99
C VAL A 502 -0.05 -28.92 -9.44
N PHE A 503 0.91 -29.66 -9.99
CA PHE A 503 0.86 -30.01 -11.41
C PHE A 503 0.91 -31.52 -11.65
N SER A 504 -0.05 -32.01 -12.42
CA SER A 504 0.03 -33.37 -12.93
C SER A 504 0.77 -33.40 -14.27
N ILE A 505 1.90 -34.10 -14.32
CA ILE A 505 2.74 -34.08 -15.51
C ILE A 505 2.93 -35.45 -16.14
N SER A 506 2.52 -35.60 -17.40
CA SER A 506 2.63 -36.90 -18.09
C SER A 506 4.01 -37.57 -18.00
N GLY A 507 4.01 -38.81 -17.49
CA GLY A 507 5.23 -39.57 -17.34
C GLY A 507 6.27 -38.96 -16.42
N ARG A 508 5.81 -38.27 -15.37
CA ARG A 508 6.68 -37.90 -14.26
C ARG A 508 5.91 -37.98 -12.95
N GLY A 509 4.66 -37.53 -12.96
CA GLY A 509 3.83 -37.57 -11.77
C GLY A 509 3.48 -36.18 -11.26
N THR A 510 3.21 -36.11 -9.96
CA THR A 510 2.82 -34.86 -9.34
C THR A 510 4.03 -34.04 -8.94
N VAL A 511 4.02 -32.77 -9.27
CA VAL A 511 5.04 -31.84 -8.79
C VAL A 511 4.35 -30.63 -8.13
N VAL A 512 4.91 -30.15 -7.02
CA VAL A 512 4.42 -28.94 -6.40
C VAL A 512 5.51 -27.90 -6.51
N THR A 513 5.12 -26.64 -6.51
CA THR A 513 6.08 -25.55 -6.56
C THR A 513 5.96 -24.63 -5.36
N GLY A 514 7.07 -23.99 -5.02
CA GLY A 514 7.07 -23.04 -3.94
C GLY A 514 8.47 -22.62 -3.63
N ARG A 515 8.62 -21.72 -2.68
CA ARG A 515 9.91 -21.32 -2.17
C ARG A 515 10.07 -22.07 -0.86
N VAL A 516 11.21 -22.74 -0.65
CA VAL A 516 11.40 -23.46 0.62
C VAL A 516 11.70 -22.52 1.78
N GLU A 517 10.80 -22.55 2.77
CA GLU A 517 10.81 -21.64 3.91
C GLU A 517 11.97 -21.94 4.85
N ARG A 518 12.26 -23.22 5.05
CA ARG A 518 13.37 -23.60 5.91
C ARG A 518 13.89 -25.01 5.68
N GLY A 519 15.17 -25.22 5.96
CA GLY A 519 15.74 -26.55 5.91
C GLY A 519 16.27 -26.98 4.55
N ILE A 520 16.30 -28.29 4.34
CA ILE A 520 16.75 -28.85 3.07
C ILE A 520 15.98 -30.13 2.72
N ILE A 521 15.60 -30.26 1.47
CA ILE A 521 14.99 -31.50 1.00
C ILE A 521 15.82 -32.17 -0.08
N LYS A 522 16.26 -33.39 0.19
CA LYS A 522 17.05 -34.15 -0.75
C LYS A 522 16.14 -35.12 -1.47
N VAL A 523 16.43 -35.41 -2.74
CA VAL A 523 15.65 -36.46 -3.40
C VAL A 523 15.97 -37.74 -2.65
N GLY A 524 14.98 -38.62 -2.51
CA GLY A 524 15.10 -39.75 -1.59
C GLY A 524 14.26 -39.56 -0.36
N GLU A 525 14.62 -38.57 0.48
CA GLU A 525 13.87 -38.24 1.70
C GLU A 525 12.35 -38.31 1.54
N GLU A 526 11.67 -38.72 2.61
CA GLU A 526 10.21 -38.78 2.62
C GLU A 526 9.65 -37.45 3.10
N VAL A 527 8.43 -37.15 2.65
CA VAL A 527 7.79 -35.91 3.04
C VAL A 527 6.35 -36.14 3.37
N GLU A 528 5.83 -35.27 4.22
CA GLU A 528 4.46 -35.30 4.64
C GLU A 528 3.83 -34.07 4.00
N ILE A 529 2.59 -34.18 3.57
CA ILE A 529 1.87 -33.02 3.07
C ILE A 529 0.63 -32.78 3.94
N VAL A 530 0.65 -31.63 4.63
CA VAL A 530 -0.23 -31.38 5.78
C VAL A 530 -0.88 -29.99 5.68
N GLY A 531 -2.17 -29.93 6.03
CA GLY A 531 -2.89 -28.68 5.91
C GLY A 531 -4.41 -28.80 5.83
N ILE A 532 -4.97 -28.64 4.64
CA ILE A 532 -6.41 -28.51 4.52
C ILE A 532 -7.13 -29.83 4.79
N LYS A 533 -6.79 -30.84 4.01
CA LYS A 533 -7.39 -32.14 4.16
C LYS A 533 -6.54 -32.90 5.16
N GLU A 534 -6.90 -34.17 5.41
CA GLU A 534 -6.13 -34.99 6.34
C GLU A 534 -4.74 -35.19 5.79
N THR A 535 -3.75 -35.26 6.67
CA THR A 535 -2.37 -35.28 6.22
C THR A 535 -2.06 -36.52 5.38
N GLN A 536 -1.06 -36.41 4.50
CA GLN A 536 -0.68 -37.51 3.62
C GLN A 536 0.82 -37.63 3.61
N LYS A 537 1.34 -38.79 3.23
CA LYS A 537 2.79 -38.93 3.12
C LYS A 537 3.24 -39.34 1.73
N SER A 538 4.49 -39.00 1.42
CA SER A 538 5.03 -39.32 0.12
C SER A 538 6.54 -39.26 0.17
N THR A 539 7.18 -39.41 -0.98
CA THR A 539 8.62 -39.39 -1.03
C THR A 539 9.10 -38.50 -2.18
N CYS A 540 10.19 -37.78 -1.96
CA CYS A 540 10.73 -36.84 -2.95
C CYS A 540 11.44 -37.50 -4.12
N THR A 541 10.77 -37.54 -5.25
CA THR A 541 11.28 -38.16 -6.47
C THR A 541 12.33 -37.30 -7.17
N GLY A 542 12.31 -36.00 -6.91
CA GLY A 542 13.28 -35.08 -7.49
C GLY A 542 13.01 -33.62 -7.16
N VAL A 543 13.93 -32.74 -7.56
CA VAL A 543 13.80 -31.30 -7.32
C VAL A 543 14.37 -30.50 -8.47
N GLU A 544 13.60 -29.55 -8.99
CA GLU A 544 14.07 -28.81 -10.17
C GLU A 544 13.76 -27.32 -10.21
N MET A 545 14.61 -26.59 -10.91
CA MET A 545 14.37 -25.19 -11.18
C MET A 545 14.28 -25.08 -12.68
N PHE A 546 14.13 -23.86 -13.19
CA PHE A 546 14.01 -23.75 -14.63
C PHE A 546 15.30 -24.16 -15.36
N ARG A 547 16.45 -23.82 -14.79
CA ARG A 547 17.73 -24.09 -15.45
C ARG A 547 18.22 -25.53 -15.31
N LYS A 548 18.25 -26.05 -14.09
CA LYS A 548 18.77 -27.40 -13.87
C LYS A 548 17.94 -28.24 -12.90
N LEU A 549 18.12 -29.55 -12.99
CA LEU A 549 17.61 -30.48 -11.99
C LEU A 549 18.60 -30.47 -10.84
N LEU A 550 18.09 -30.65 -9.62
CA LEU A 550 18.90 -30.55 -8.41
C LEU A 550 18.83 -31.82 -7.59
N ASP A 551 19.82 -32.01 -6.72
CA ASP A 551 19.81 -33.10 -5.74
C ASP A 551 18.95 -32.72 -4.55
N GLU A 552 19.03 -31.45 -4.15
CA GLU A 552 18.35 -30.92 -2.98
C GLU A 552 17.83 -29.51 -3.22
N GLY A 553 16.73 -29.15 -2.58
CA GLY A 553 16.31 -27.76 -2.48
C GLY A 553 16.65 -27.19 -1.11
N ARG A 554 17.16 -25.96 -1.08
CA ARG A 554 17.61 -25.34 0.17
C ARG A 554 16.81 -24.09 0.56
N ALA A 555 17.01 -23.63 1.79
CA ALA A 555 16.26 -22.48 2.27
C ALA A 555 16.36 -21.22 1.38
N GLY A 556 15.21 -20.72 0.94
CA GLY A 556 15.14 -19.49 0.18
C GLY A 556 15.20 -19.68 -1.33
N GLU A 557 15.16 -20.93 -1.76
CA GLU A 557 15.20 -21.27 -3.18
C GLU A 557 13.81 -21.66 -3.71
N ASN A 558 13.44 -21.13 -4.87
CA ASN A 558 12.19 -21.54 -5.50
C ASN A 558 12.39 -22.81 -6.32
N VAL A 559 11.60 -23.83 -6.01
CA VAL A 559 11.80 -25.12 -6.64
C VAL A 559 10.48 -25.74 -7.04
N GLY A 560 10.55 -26.72 -7.92
CA GLY A 560 9.49 -27.70 -8.07
C GLY A 560 9.98 -28.91 -7.28
N VAL A 561 9.06 -29.62 -6.62
CA VAL A 561 9.40 -30.83 -5.90
C VAL A 561 8.51 -31.93 -6.45
N LEU A 562 9.12 -33.04 -6.84
CA LEU A 562 8.37 -34.15 -7.40
C LEU A 562 8.09 -35.19 -6.32
N LEU A 563 6.88 -35.74 -6.36
CA LEU A 563 6.43 -36.67 -5.32
C LEU A 563 5.97 -37.99 -5.90
N ARG A 564 6.32 -39.07 -5.23
CA ARG A 564 5.92 -40.40 -5.66
C ARG A 564 4.48 -40.74 -5.31
N GLY A 565 3.76 -41.27 -6.29
CA GLY A 565 2.45 -41.87 -6.06
C GLY A 565 1.28 -40.91 -5.97
N ILE A 566 1.41 -39.95 -5.05
CA ILE A 566 0.36 -38.98 -4.73
C ILE A 566 -0.25 -38.28 -5.95
N LYS A 567 -1.57 -38.37 -6.10
CA LYS A 567 -2.27 -37.75 -7.23
C LYS A 567 -2.51 -36.22 -7.08
N ARG A 568 -2.57 -35.52 -8.20
CA ARG A 568 -2.68 -34.07 -8.23
C ARG A 568 -3.92 -33.52 -7.54
N GLU A 569 -5.03 -34.22 -7.69
CA GLU A 569 -6.31 -33.76 -7.15
C GLU A 569 -6.37 -33.90 -5.64
N GLU A 570 -5.33 -34.45 -5.04
CA GLU A 570 -5.29 -34.56 -3.59
C GLU A 570 -4.20 -33.70 -2.93
N ILE A 571 -3.89 -32.58 -3.57
CA ILE A 571 -2.96 -31.60 -3.03
C ILE A 571 -3.55 -30.23 -3.35
N GLU A 572 -3.52 -29.33 -2.38
CA GLU A 572 -4.09 -28.01 -2.57
C GLU A 572 -3.06 -26.95 -2.22
N ARG A 573 -3.18 -25.79 -2.85
CA ARG A 573 -2.42 -24.64 -2.43
C ARG A 573 -2.82 -24.34 -1.00
N GLY A 574 -1.86 -23.99 -0.17
CA GLY A 574 -2.14 -23.63 1.21
C GLY A 574 -1.66 -24.71 2.16
N GLN A 575 -1.61 -25.94 1.67
CA GLN A 575 -0.97 -27.02 2.41
C GLN A 575 0.51 -26.76 2.43
N VAL A 576 1.22 -27.48 3.31
CA VAL A 576 2.67 -27.39 3.30
C VAL A 576 3.28 -28.76 3.04
N LEU A 577 4.52 -28.74 2.58
CA LEU A 577 5.34 -29.93 2.46
C LEU A 577 6.39 -29.82 3.55
N ALA A 578 6.55 -30.87 4.35
CA ALA A 578 7.51 -30.82 5.44
C ALA A 578 7.96 -32.20 5.86
N LYS A 579 9.14 -32.24 6.49
CA LYS A 579 9.67 -33.46 7.11
C LYS A 579 8.68 -33.95 8.14
N PRO A 580 8.41 -35.26 8.14
CA PRO A 580 7.27 -35.86 8.86
C PRO A 580 7.24 -35.62 10.38
N GLY A 581 6.05 -35.31 10.89
CA GLY A 581 5.84 -35.10 12.32
C GLY A 581 6.37 -33.77 12.82
N THR A 582 6.78 -32.93 11.89
CA THR A 582 7.47 -31.70 12.28
C THR A 582 6.56 -30.48 12.36
N ILE A 583 5.36 -30.59 11.81
CA ILE A 583 4.38 -29.51 11.74
C ILE A 583 3.01 -30.15 11.80
N LYS A 584 2.05 -29.51 12.45
CA LYS A 584 0.74 -30.16 12.66
C LYS A 584 -0.42 -29.30 12.23
N PRO A 585 -1.54 -29.94 11.86
CA PRO A 585 -2.76 -29.23 11.41
C PRO A 585 -3.61 -28.80 12.57
N HIS A 586 -3.80 -27.49 12.73
CA HIS A 586 -4.64 -26.98 13.81
C HIS A 586 -5.72 -26.02 13.32
N THR A 587 -6.83 -25.97 14.06
CA THR A 587 -7.95 -25.12 13.71
C THR A 587 -8.16 -24.02 14.75
N LYS A 588 -7.83 -24.29 15.99
CA LYS A 588 -8.06 -23.28 17.03
C LYS A 588 -6.74 -22.76 17.54
N PHE A 589 -6.72 -21.51 17.95
CA PHE A 589 -5.51 -20.93 18.49
C PHE A 589 -5.78 -19.53 18.97
N GLU A 590 -4.91 -19.06 19.88
CA GLU A 590 -4.93 -17.70 20.38
C GLU A 590 -3.89 -16.92 19.63
N SER A 591 -4.08 -15.61 19.52
CA SER A 591 -3.10 -14.78 18.83
C SER A 591 -3.10 -13.36 19.36
N GLU A 592 -2.10 -12.60 18.93
CA GLU A 592 -2.05 -11.18 19.15
C GLU A 592 -2.25 -10.61 17.76
N VAL A 593 -3.11 -9.62 17.60
CA VAL A 593 -3.28 -9.05 16.27
C VAL A 593 -3.26 -7.55 16.27
N TYR A 594 -3.07 -6.98 15.09
CA TYR A 594 -3.12 -5.55 14.93
C TYR A 594 -4.12 -5.23 13.82
N ILE A 595 -5.16 -4.48 14.13
CA ILE A 595 -6.06 -4.04 13.06
C ILE A 595 -5.55 -2.73 12.47
N LEU A 596 -5.28 -2.71 11.16
CA LEU A 596 -4.77 -1.49 10.53
C LEU A 596 -5.74 -0.32 10.67
N SER A 597 -5.21 0.90 10.65
CA SER A 597 -6.05 2.11 10.71
C SER A 597 -6.66 2.42 9.36
N LYS A 598 -7.62 3.35 9.33
CA LYS A 598 -8.08 3.88 8.06
C LYS A 598 -6.83 4.32 7.32
N ASP A 599 -5.98 5.05 8.04
CA ASP A 599 -4.88 5.79 7.46
C ASP A 599 -3.86 4.85 6.80
N GLU A 600 -3.96 3.57 7.12
CA GLU A 600 -2.99 2.58 6.64
C GLU A 600 -3.65 1.62 5.66
N GLY A 601 -4.77 2.05 5.11
CA GLY A 601 -5.46 1.28 4.10
C GLY A 601 -6.35 0.20 4.67
N GLY A 602 -6.59 0.28 5.97
CA GLY A 602 -7.37 -0.73 6.65
C GLY A 602 -8.85 -0.42 6.65
N ARG A 603 -9.56 -1.01 7.61
CA ARG A 603 -10.98 -0.77 7.81
C ARG A 603 -11.19 0.67 8.22
N HIS A 604 -12.36 1.23 7.93
CA HIS A 604 -12.68 2.58 8.40
C HIS A 604 -13.73 2.54 9.50
N THR A 605 -14.34 1.38 9.71
CA THR A 605 -15.31 1.18 10.80
C THR A 605 -14.97 -0.02 11.69
N PRO A 606 -15.41 0.05 12.96
CA PRO A 606 -15.08 -0.96 13.95
C PRO A 606 -15.76 -2.27 13.66
N PHE A 607 -15.33 -3.33 14.32
CA PHE A 607 -16.09 -4.57 14.31
C PHE A 607 -16.42 -4.99 15.74
N PHE A 608 -17.16 -6.08 15.88
CA PHE A 608 -17.74 -6.48 17.17
C PHE A 608 -17.72 -7.98 17.36
N LYS A 609 -18.62 -8.49 18.20
CA LYS A 609 -18.59 -9.92 18.57
C LYS A 609 -18.21 -10.83 17.41
N GLY A 610 -19.07 -10.91 16.39
CA GLY A 610 -18.89 -11.94 15.36
C GLY A 610 -18.18 -11.57 14.07
N TYR A 611 -17.10 -10.82 14.17
CA TYR A 611 -16.21 -10.57 13.04
C TYR A 611 -15.91 -11.88 12.31
N ARG A 612 -15.93 -11.85 10.97
CA ARG A 612 -15.67 -13.08 10.21
C ARG A 612 -14.84 -12.87 8.95
N PRO A 613 -13.55 -12.55 9.11
CA PRO A 613 -12.79 -12.22 7.92
C PRO A 613 -12.10 -13.44 7.34
N GLN A 614 -11.15 -13.21 6.46
CA GLN A 614 -10.34 -14.29 5.91
C GLN A 614 -8.98 -14.25 6.56
N PHE A 615 -8.47 -15.43 6.94
CA PHE A 615 -7.13 -15.51 7.49
C PHE A 615 -6.18 -16.09 6.47
N TYR A 616 -5.28 -15.25 5.97
CA TYR A 616 -4.31 -15.64 4.98
C TYR A 616 -3.08 -16.16 5.68
N PHE A 617 -2.80 -17.45 5.54
CA PHE A 617 -1.62 -18.00 6.23
C PHE A 617 -0.30 -17.89 5.50
N ARG A 618 0.13 -18.92 4.79
CA ARG A 618 1.40 -18.66 4.12
C ARG A 618 1.15 -18.37 2.65
N THR A 619 0.04 -18.89 2.15
CA THR A 619 -0.23 -18.85 0.72
C THR A 619 -1.72 -18.86 0.36
N THR A 620 -2.60 -18.78 1.35
CA THR A 620 -4.04 -18.92 1.09
C THR A 620 -4.94 -18.33 2.18
N ASP A 621 -6.10 -17.84 1.79
CA ASP A 621 -7.10 -17.39 2.74
C ASP A 621 -7.75 -18.62 3.32
N VAL A 622 -8.12 -18.55 4.58
CA VAL A 622 -9.00 -19.54 5.15
C VAL A 622 -9.90 -18.84 6.15
N THR A 623 -11.19 -18.96 5.95
CA THR A 623 -12.15 -18.25 6.77
C THR A 623 -12.21 -18.81 8.20
N GLY A 624 -12.53 -17.95 9.16
CA GLY A 624 -12.63 -18.38 10.55
C GLY A 624 -13.39 -17.39 11.43
N THR A 625 -14.06 -17.92 12.45
CA THR A 625 -14.67 -17.05 13.46
C THR A 625 -13.68 -16.73 14.58
N ILE A 626 -14.01 -15.73 15.39
CA ILE A 626 -13.14 -15.35 16.50
C ILE A 626 -13.91 -14.91 17.73
N GLU A 627 -13.31 -15.12 18.90
CA GLU A 627 -13.91 -14.64 20.14
C GLU A 627 -13.00 -13.62 20.83
N LEU A 628 -13.53 -12.42 21.07
CA LEU A 628 -12.79 -11.38 21.77
C LEU A 628 -12.51 -11.76 23.22
N PRO A 629 -11.56 -11.08 23.85
CA PRO A 629 -11.33 -11.34 25.27
C PRO A 629 -12.41 -10.70 26.12
N GLU A 630 -12.80 -11.39 27.19
CA GLU A 630 -13.79 -10.90 28.15
C GLU A 630 -13.61 -9.41 28.51
N GLY A 631 -14.64 -8.61 28.27
CA GLY A 631 -14.57 -7.20 28.57
C GLY A 631 -14.41 -6.27 27.38
N VAL A 632 -14.06 -6.81 26.22
CA VAL A 632 -14.01 -5.96 25.03
C VAL A 632 -15.09 -6.35 24.05
N GLU A 633 -15.79 -5.35 23.54
CA GLU A 633 -16.96 -5.60 22.71
C GLU A 633 -16.85 -4.89 21.37
N MET A 634 -15.87 -4.00 21.26
CA MET A 634 -15.67 -3.29 20.01
C MET A 634 -14.17 -3.20 19.70
N VAL A 635 -13.83 -3.26 18.42
CA VAL A 635 -12.45 -3.13 17.98
C VAL A 635 -12.41 -2.12 16.84
N MET A 636 -11.50 -1.16 16.89
CA MET A 636 -11.43 -0.17 15.83
C MET A 636 -10.10 -0.12 15.09
N PRO A 637 -10.12 0.39 13.86
CA PRO A 637 -8.86 0.51 13.13
C PRO A 637 -7.84 1.08 14.10
N GLY A 638 -6.60 0.58 14.07
CA GLY A 638 -5.57 1.03 14.97
C GLY A 638 -5.33 0.19 16.22
N ASP A 639 -6.25 -0.71 16.57
CA ASP A 639 -6.13 -1.45 17.84
C ASP A 639 -5.13 -2.62 17.84
N ASN A 640 -4.46 -2.82 18.97
CA ASN A 640 -3.82 -4.11 19.25
C ASN A 640 -4.83 -4.94 19.95
N ILE A 641 -4.87 -6.22 19.65
CA ILE A 641 -5.82 -7.01 20.38
C ILE A 641 -5.44 -8.47 20.38
N LYS A 642 -5.78 -9.13 21.49
CA LYS A 642 -5.65 -10.56 21.61
C LYS A 642 -6.99 -11.14 21.19
N MET A 643 -6.98 -12.18 20.37
CA MET A 643 -8.22 -12.82 20.03
C MET A 643 -8.05 -14.32 19.81
N VAL A 644 -9.11 -15.07 20.02
CA VAL A 644 -9.05 -16.49 19.81
C VAL A 644 -9.75 -16.84 18.51
N VAL A 645 -8.95 -17.33 17.55
CA VAL A 645 -9.42 -17.59 16.20
C VAL A 645 -9.62 -19.06 16.09
N THR A 646 -10.78 -19.45 15.57
CA THR A 646 -11.01 -20.83 15.20
C THR A 646 -11.41 -20.94 13.71
N LEU A 647 -10.64 -21.74 12.96
CA LEU A 647 -10.74 -21.81 11.50
C LEU A 647 -11.74 -22.85 11.02
N ILE A 648 -12.30 -22.59 9.84
CA ILE A 648 -13.31 -23.47 9.24
C ILE A 648 -12.74 -24.84 8.85
N HIS A 649 -11.44 -24.88 8.56
CA HIS A 649 -10.73 -26.15 8.38
C HIS A 649 -9.24 -25.99 8.67
N PRO A 650 -8.53 -27.10 8.93
CA PRO A 650 -7.18 -27.02 9.50
C PRO A 650 -6.15 -26.35 8.60
N ILE A 651 -5.01 -26.02 9.22
CA ILE A 651 -3.87 -25.43 8.57
C ILE A 651 -2.70 -25.81 9.45
N ALA A 652 -1.53 -25.99 8.83
CA ALA A 652 -0.34 -26.43 9.53
C ALA A 652 0.32 -25.25 10.20
N MET A 653 0.40 -25.27 11.53
CA MET A 653 0.94 -24.14 12.33
C MET A 653 1.65 -24.58 13.62
N ASP A 654 2.52 -23.71 14.12
CA ASP A 654 3.07 -23.79 15.47
C ASP A 654 3.21 -22.34 15.91
N ASP A 655 3.19 -22.04 17.20
CA ASP A 655 3.28 -20.64 17.57
C ASP A 655 4.52 -20.00 16.96
N GLY A 656 4.41 -18.72 16.64
CA GLY A 656 5.44 -17.99 15.94
C GLY A 656 4.93 -17.57 14.58
N LEU A 657 3.97 -18.33 14.05
CA LEU A 657 3.55 -18.17 12.66
C LEU A 657 2.73 -16.91 12.41
N ARG A 658 3.17 -16.10 11.46
CA ARG A 658 2.47 -14.87 11.12
C ARG A 658 1.38 -15.09 10.07
N PHE A 659 0.33 -14.28 10.15
CA PHE A 659 -0.77 -14.38 9.20
C PHE A 659 -1.40 -13.01 9.03
N ALA A 660 -2.10 -12.85 7.91
CA ALA A 660 -2.74 -11.58 7.64
C ALA A 660 -4.24 -11.71 7.82
N ILE A 661 -4.92 -10.59 8.01
CA ILE A 661 -6.37 -10.62 8.08
C ILE A 661 -6.91 -9.90 6.85
N ARG A 662 -7.75 -10.58 6.09
CA ARG A 662 -8.23 -10.02 4.83
C ARG A 662 -9.74 -9.98 4.70
N GLU A 663 -10.20 -8.97 3.97
CA GLU A 663 -11.59 -8.86 3.54
C GLU A 663 -11.56 -8.68 2.02
N GLY A 664 -12.03 -9.70 1.29
CA GLY A 664 -11.99 -9.69 -0.16
C GLY A 664 -10.69 -9.23 -0.81
N GLY A 665 -9.57 -9.83 -0.42
CA GLY A 665 -8.30 -9.45 -0.99
C GLY A 665 -7.75 -8.11 -0.51
N ARG A 666 -8.41 -7.51 0.47
CA ARG A 666 -7.91 -6.32 1.13
C ARG A 666 -7.33 -6.72 2.47
N THR A 667 -6.13 -6.23 2.77
CA THR A 667 -5.47 -6.53 4.03
C THR A 667 -5.87 -5.52 5.12
N VAL A 668 -6.43 -6.00 6.22
CA VAL A 668 -6.92 -5.11 7.25
C VAL A 668 -6.32 -5.41 8.61
N GLY A 669 -5.53 -6.45 8.70
CA GLY A 669 -4.92 -6.82 9.95
C GLY A 669 -3.73 -7.74 9.79
N ALA A 670 -2.88 -7.77 10.81
CA ALA A 670 -1.84 -8.75 10.90
C ALA A 670 -1.96 -9.39 12.27
N GLY A 671 -1.38 -10.58 12.43
CA GLY A 671 -1.39 -11.30 13.70
C GLY A 671 -0.29 -12.34 13.77
N VAL A 672 -0.03 -12.87 14.97
CA VAL A 672 0.83 -14.05 15.12
C VAL A 672 0.15 -15.04 16.04
N VAL A 673 0.15 -16.31 15.64
CA VAL A 673 -0.34 -17.37 16.52
C VAL A 673 0.45 -17.36 17.84
N ALA A 674 -0.25 -17.21 18.96
CA ALA A 674 0.41 -17.15 20.26
C ALA A 674 0.46 -18.50 21.00
N LYS A 675 -0.51 -19.36 20.72
CA LYS A 675 -0.64 -20.64 21.40
C LYS A 675 -1.70 -21.44 20.66
N VAL A 676 -1.36 -22.65 20.21
CA VAL A 676 -2.36 -23.51 19.57
C VAL A 676 -3.29 -24.14 20.60
N LEU A 677 -4.58 -24.20 20.27
CA LEU A 677 -5.60 -24.72 21.18
C LEU A 677 -6.05 -26.09 20.70
N SER A 678 -7.26 -26.50 21.07
CA SER A 678 -7.75 -27.83 20.68
C SER A 678 -9.07 -27.79 19.90
N GLY A 679 -10.11 -27.26 20.54
CA GLY A 679 -11.34 -26.90 19.86
C GLY A 679 -12.17 -27.91 19.08
N ALA A 680 -11.65 -28.34 17.93
CA ALA A 680 -12.38 -29.24 17.05
C ALA A 680 -11.72 -30.62 16.97
N SER A 700 -25.60 -13.73 6.14
CA SER A 700 -24.91 -14.27 4.98
C SER A 700 -25.61 -13.92 3.68
N SER A 701 -25.08 -14.43 2.57
CA SER A 701 -25.58 -14.15 1.22
C SER A 701 -26.87 -14.93 0.91
N ARG A 702 -27.56 -14.54 -0.16
CA ARG A 702 -28.91 -15.07 -0.46
C ARG A 702 -28.98 -16.05 -1.65
N ASN A 703 -30.11 -16.75 -1.75
CA ASN A 703 -30.40 -17.61 -2.91
C ASN A 703 -31.22 -16.85 -3.97
N SER A 704 -32.51 -16.64 -3.73
CA SER A 704 -33.36 -16.05 -4.75
C SER A 704 -32.86 -14.67 -5.14
N LEU A 705 -32.54 -13.86 -4.14
CA LEU A 705 -32.01 -12.52 -4.35
C LEU A 705 -30.88 -12.58 -5.38
N SER A 706 -29.93 -13.45 -5.12
CA SER A 706 -28.89 -13.72 -6.09
C SER A 706 -29.52 -14.09 -7.44
N ALA A 707 -30.49 -15.00 -7.38
CA ALA A 707 -31.14 -15.57 -8.55
C ALA A 707 -31.96 -14.55 -9.33
N GLN A 708 -32.53 -13.59 -8.61
CA GLN A 708 -33.27 -12.51 -9.22
C GLN A 708 -32.34 -11.55 -9.97
N LEU A 709 -31.24 -11.18 -9.33
CA LEU A 709 -30.28 -10.26 -9.94
C LEU A 709 -29.68 -10.86 -11.22
N ARG A 710 -29.45 -12.16 -11.23
CA ARG A 710 -28.89 -12.80 -12.41
C ARG A 710 -29.89 -12.79 -13.54
N ARG A 711 -31.14 -13.06 -13.22
CA ARG A 711 -32.20 -13.09 -14.20
C ARG A 711 -32.21 -11.74 -14.88
N ALA A 712 -32.26 -10.67 -14.07
CA ALA A 712 -32.22 -9.29 -14.54
C ALA A 712 -30.97 -8.94 -15.38
N ALA A 713 -29.80 -9.35 -14.90
CA ALA A 713 -28.57 -9.11 -15.65
C ALA A 713 -28.62 -9.72 -17.04
N ASN A 714 -29.27 -10.88 -17.14
CA ASN A 714 -29.29 -11.61 -18.41
C ASN A 714 -30.42 -11.14 -19.32
N THR A 715 -31.02 -10.06 -18.92
CA THR A 715 -32.11 -9.49 -19.64
C THR A 715 -31.50 -8.62 -20.73
N ARG A 716 -32.33 -8.09 -21.61
CA ARG A 716 -31.84 -7.19 -22.63
C ARG A 716 -32.60 -5.88 -22.62
N ILE A 717 -31.89 -4.77 -22.50
CA ILE A 717 -32.60 -3.52 -22.47
C ILE A 717 -33.15 -3.29 -23.88
N GLU A 718 -34.41 -2.92 -23.98
CA GLU A 718 -34.97 -2.71 -25.31
C GLU A 718 -35.42 -1.27 -25.57
N VAL A 719 -35.07 -0.72 -26.73
CA VAL A 719 -35.55 0.62 -27.07
C VAL A 719 -35.68 0.85 -28.56
N GLU A 720 -36.34 1.95 -28.91
CA GLU A 720 -36.48 2.33 -30.31
C GLU A 720 -35.26 3.14 -30.70
N GLY A 721 -34.50 2.65 -31.68
CA GLY A 721 -33.38 3.40 -32.22
C GLY A 721 -32.01 3.22 -31.57
N ASN A 722 -31.25 4.32 -31.53
CA ASN A 722 -29.87 4.30 -31.06
C ASN A 722 -29.80 4.83 -29.63
N LEU A 723 -29.67 3.94 -28.66
CA LEU A 723 -29.85 4.35 -27.27
C LEU A 723 -28.72 5.25 -26.83
N ALA A 724 -27.50 4.96 -27.32
CA ALA A 724 -26.30 5.72 -26.98
C ALA A 724 -26.52 7.16 -27.36
N LEU A 725 -26.90 7.33 -28.63
CA LEU A 725 -27.16 8.63 -29.22
C LEU A 725 -28.25 9.35 -28.46
N SER A 726 -29.27 8.64 -27.99
CA SER A 726 -30.37 9.34 -27.34
C SER A 726 -29.85 9.97 -26.07
N ILE A 727 -29.00 9.23 -25.38
CA ILE A 727 -28.43 9.66 -24.14
C ILE A 727 -27.58 10.89 -24.43
N ALA A 728 -26.71 10.78 -25.43
CA ALA A 728 -25.83 11.89 -25.78
C ALA A 728 -26.61 13.16 -26.11
N ASN A 729 -27.63 13.09 -26.96
CA ASN A 729 -28.42 14.28 -27.26
C ASN A 729 -29.14 14.82 -26.04
N ASP A 730 -29.68 13.93 -25.21
CA ASP A 730 -30.38 14.41 -24.02
C ASP A 730 -29.42 15.14 -23.12
N LEU A 731 -28.18 14.64 -23.10
CA LEU A 731 -27.12 15.24 -22.31
C LEU A 731 -26.82 16.64 -22.84
N LEU A 732 -26.67 16.75 -24.16
CA LEU A 732 -26.41 18.05 -24.78
C LEU A 732 -27.57 18.99 -24.53
N LEU A 733 -28.79 18.45 -24.58
CA LEU A 733 -29.98 19.27 -24.37
C LEU A 733 -30.07 19.78 -22.94
N ALA A 734 -29.64 18.98 -21.97
CA ALA A 734 -29.65 19.45 -20.58
C ALA A 734 -28.61 20.54 -20.31
N TYR A 735 -27.55 20.58 -21.12
CA TYR A 735 -26.50 21.59 -20.99
C TYR A 735 -26.71 22.76 -21.97
N GLY A 736 -27.91 22.86 -22.52
CA GLY A 736 -28.22 23.95 -23.44
C GLY A 736 -27.37 23.93 -24.69
N GLN A 737 -26.93 22.75 -25.08
CA GLN A 737 -26.14 22.58 -26.28
C GLN A 737 -27.03 21.93 -27.35
N SER A 738 -26.82 22.26 -28.61
CA SER A 738 -27.65 21.70 -29.64
C SER A 738 -27.40 20.20 -29.79
N PRO A 739 -28.46 19.42 -30.07
CA PRO A 739 -28.35 17.98 -30.28
C PRO A 739 -27.58 17.63 -31.55
N PHE A 740 -27.40 16.34 -31.81
CA PHE A 740 -26.74 15.89 -33.01
C PHE A 740 -27.80 15.68 -34.07
N ASN A 741 -27.72 16.47 -35.13
CA ASN A 741 -28.58 16.33 -36.32
C ASN A 741 -28.76 14.90 -36.83
N SER A 742 -27.66 14.15 -36.86
CA SER A 742 -27.64 12.82 -37.45
C SER A 742 -26.45 12.02 -36.93
N GLU A 743 -26.41 10.73 -37.23
CA GLU A 743 -25.27 9.91 -36.89
C GLU A 743 -24.01 10.54 -37.46
N ALA A 744 -24.17 11.15 -38.63
CA ALA A 744 -23.05 11.72 -39.37
C ALA A 744 -22.38 12.92 -38.69
N GLU A 745 -23.10 13.63 -37.84
CA GLU A 745 -22.52 14.79 -37.13
C GLU A 745 -21.79 14.38 -35.87
N CYS A 746 -22.26 13.29 -35.27
CA CYS A 746 -21.64 12.70 -34.08
C CYS A 746 -20.14 12.60 -34.22
N ILE A 747 -19.68 12.39 -35.45
CA ILE A 747 -18.28 12.09 -35.66
C ILE A 747 -17.58 13.18 -36.45
N SER A 748 -18.31 14.24 -36.76
CA SER A 748 -17.75 15.33 -37.56
C SER A 748 -17.91 16.68 -36.88
N PHE A 749 -17.80 16.70 -35.55
CA PHE A 749 -17.96 17.95 -34.80
C PHE A 749 -16.68 18.40 -34.12
N SER A 750 -16.43 19.70 -34.15
CA SER A 750 -15.19 20.22 -33.61
C SER A 750 -15.44 21.16 -32.44
N PRO A 751 -14.67 21.00 -31.38
CA PRO A 751 -14.94 21.92 -30.27
C PRO A 751 -14.31 23.28 -30.54
N ARG A 752 -14.78 24.28 -29.81
CA ARG A 752 -14.16 25.58 -29.81
C ARG A 752 -13.18 25.63 -28.65
N PHE A 753 -11.90 25.89 -28.92
CA PHE A 753 -10.91 26.02 -27.85
C PHE A 753 -10.91 27.44 -27.29
N ASP A 754 -11.97 27.74 -26.53
CA ASP A 754 -12.19 29.02 -25.88
C ASP A 754 -13.51 28.94 -25.11
N GLY A 755 -13.89 30.03 -24.47
CA GLY A 755 -15.07 29.95 -23.65
C GLY A 755 -14.60 29.59 -22.27
N THR A 756 -15.50 29.63 -21.31
CA THR A 756 -15.17 29.27 -19.93
C THR A 756 -14.87 27.78 -19.88
N PRO A 757 -14.23 27.32 -18.81
CA PRO A 757 -13.96 25.87 -18.74
C PRO A 757 -15.25 25.08 -18.88
N ASP A 758 -16.32 25.53 -18.21
CA ASP A 758 -17.57 24.80 -18.18
C ASP A 758 -18.12 24.67 -19.58
N ASP A 759 -18.12 25.78 -20.29
CA ASP A 759 -18.66 25.79 -21.64
C ASP A 759 -17.82 24.96 -22.57
N PHE A 760 -16.51 24.93 -22.36
CA PHE A 760 -15.64 24.04 -23.13
C PHE A 760 -15.75 22.54 -22.72
N ARG A 761 -16.10 22.29 -21.48
CA ARG A 761 -16.14 20.92 -21.00
C ARG A 761 -17.22 20.07 -21.65
N ILE A 762 -18.41 20.63 -21.83
CA ILE A 762 -19.50 19.88 -22.46
C ILE A 762 -19.32 19.92 -23.94
N ASN A 763 -18.58 20.89 -24.42
CA ASN A 763 -18.44 21.07 -25.85
C ASN A 763 -17.49 20.01 -26.40
N TYR A 764 -16.45 19.76 -25.60
CA TYR A 764 -15.45 18.79 -25.94
C TYR A 764 -16.03 17.42 -25.78
N LEU A 765 -16.76 17.23 -24.68
CA LEU A 765 -17.58 16.02 -24.53
C LEU A 765 -18.41 15.79 -25.79
N LYS A 766 -19.09 16.82 -26.24
CA LYS A 766 -19.89 16.71 -27.44
C LYS A 766 -19.10 16.17 -28.62
N ALA A 767 -17.86 16.61 -28.77
CA ALA A 767 -17.08 16.16 -29.92
C ALA A 767 -16.45 14.79 -29.71
N GLU A 768 -16.33 14.36 -28.46
CA GLU A 768 -15.67 13.08 -28.21
C GLU A 768 -16.65 11.93 -27.98
N ILE A 769 -17.82 12.24 -27.41
CA ILE A 769 -18.65 11.21 -26.82
C ILE A 769 -19.03 10.06 -27.75
N MET A 770 -19.52 10.37 -28.95
CA MET A 770 -19.89 9.31 -29.88
C MET A 770 -18.76 8.95 -30.85
N SER A 771 -17.57 9.47 -30.61
CA SER A 771 -16.56 9.47 -31.66
C SER A 771 -15.95 8.11 -31.94
N LYS A 772 -16.16 7.15 -31.05
CA LYS A 772 -15.57 5.84 -31.21
C LYS A 772 -16.67 4.78 -31.26
N TYR A 773 -17.91 5.23 -31.43
CA TYR A 773 -19.06 4.35 -31.49
C TYR A 773 -19.00 3.44 -32.71
N ASP A 774 -18.96 2.14 -32.47
CA ASP A 774 -18.69 1.18 -33.55
C ASP A 774 -19.92 0.65 -34.30
N ASP A 775 -21.07 1.27 -34.07
CA ASP A 775 -22.31 0.70 -34.59
C ASP A 775 -23.11 1.67 -35.48
N PHE A 776 -22.43 2.62 -36.12
CA PHE A 776 -23.13 3.58 -36.96
C PHE A 776 -23.54 2.90 -38.24
N SER A 777 -24.64 3.35 -38.81
CA SER A 777 -25.06 2.79 -40.08
C SER A 777 -24.35 3.59 -41.13
N LEU A 778 -24.95 4.71 -41.47
CA LEU A 778 -24.48 5.52 -42.58
C LEU A 778 -22.94 5.65 -42.63
N GLY A 779 -22.36 4.91 -43.58
CA GLY A 779 -20.95 4.92 -43.83
C GLY A 779 -20.46 3.80 -44.73
N ILE A 780 -20.00 4.15 -45.93
CA ILE A 780 -19.17 3.25 -46.73
C ILE A 780 -17.92 3.00 -45.90
N ASP A 781 -18.13 2.96 -44.59
CA ASP A 781 -17.07 3.01 -43.62
C ASP A 781 -16.51 1.61 -43.40
N THR A 782 -15.20 1.46 -43.44
CA THR A 782 -14.61 0.14 -43.23
C THR A 782 -13.35 0.08 -42.32
N GLU A 783 -12.40 -0.71 -42.82
CA GLU A 783 -11.11 -1.01 -42.24
C GLU A 783 -10.22 -1.01 -43.48
N ALA A 784 -10.89 -0.85 -44.62
CA ALA A 784 -10.25 -0.41 -45.84
C ALA A 784 -9.46 0.86 -45.53
N VAL A 785 -10.07 1.73 -44.74
CA VAL A 785 -9.40 2.94 -44.28
C VAL A 785 -8.10 2.61 -43.52
N ALA A 786 -8.16 1.66 -42.58
CA ALA A 786 -6.97 1.30 -41.84
C ALA A 786 -5.81 0.87 -42.75
N TRP A 787 -6.08 -0.04 -43.69
CA TRP A 787 -5.03 -0.59 -44.57
C TRP A 787 -4.48 0.44 -45.54
N GLU A 788 -5.31 1.38 -45.96
CA GLU A 788 -4.80 2.46 -46.78
C GLU A 788 -3.76 3.21 -45.97
N LYS A 789 -4.10 3.48 -44.72
CA LYS A 789 -3.18 4.14 -43.81
C LYS A 789 -1.95 3.27 -43.63
N PHE A 790 -2.18 1.98 -43.52
CA PHE A 790 -1.08 1.05 -43.36
C PHE A 790 -0.13 1.11 -44.53
N LEU A 791 -0.69 1.18 -45.73
CA LEU A 791 0.10 1.31 -46.95
C LEU A 791 0.79 2.68 -47.07
N ALA A 792 0.12 3.72 -46.61
CA ALA A 792 0.69 5.09 -46.66
C ALA A 792 1.91 5.25 -45.74
N ALA A 793 1.80 4.73 -44.53
CA ALA A 793 2.93 4.78 -43.61
C ALA A 793 4.15 4.04 -44.21
N GLU A 794 3.94 2.84 -44.76
CA GLU A 794 5.03 2.13 -45.41
C GLU A 794 5.65 2.93 -46.53
N ALA A 795 4.83 3.62 -47.31
CA ALA A 795 5.35 4.40 -48.42
C ALA A 795 6.21 5.56 -47.91
N GLU A 796 5.85 6.12 -46.77
CA GLU A 796 6.67 7.17 -46.16
C GLU A 796 7.98 6.61 -45.63
N CYS A 797 7.95 5.43 -45.03
CA CYS A 797 9.19 4.84 -44.55
C CYS A 797 10.07 4.54 -45.76
N ALA A 798 9.41 4.30 -46.88
CA ALA A 798 10.10 4.02 -48.12
C ALA A 798 10.89 5.26 -48.48
N LEU A 799 10.18 6.39 -48.61
CA LEU A 799 10.84 7.67 -48.88
C LEU A 799 11.98 7.97 -47.93
N THR A 800 11.68 7.97 -46.63
CA THR A 800 12.71 8.31 -45.65
C THR A 800 13.89 7.32 -45.64
N ASN A 801 13.63 6.05 -45.95
CA ASN A 801 14.73 5.10 -46.12
C ASN A 801 15.68 5.48 -47.25
N ALA A 802 15.11 5.88 -48.38
CA ALA A 802 15.92 6.32 -49.51
C ALA A 802 16.66 7.57 -49.10
N ARG A 803 15.92 8.59 -48.66
CA ARG A 803 16.56 9.81 -48.21
C ARG A 803 17.72 9.56 -47.26
N LEU A 804 17.41 9.19 -46.02
CA LEU A 804 18.39 9.05 -44.95
C LEU A 804 19.66 8.26 -45.29
N TYR A 805 19.55 7.30 -46.20
CA TYR A 805 20.75 6.63 -46.71
C TYR A 805 21.35 7.51 -47.82
N ARG A 806 22.12 8.51 -47.37
CA ARG A 806 22.77 9.48 -48.25
C ARG A 806 23.30 10.66 -47.40
N PRO A 807 24.39 10.40 -46.61
CA PRO A 807 25.00 11.33 -45.64
C PRO A 807 25.75 12.53 -46.27
N ASP A 808 26.29 12.35 -47.47
CA ASP A 808 26.86 13.46 -48.22
C ASP A 808 25.91 13.90 -49.34
N TYR A 809 25.35 15.10 -49.20
CA TYR A 809 24.42 15.65 -50.19
C TYR A 809 25.12 15.88 -51.53
N SER A 810 25.52 17.12 -51.78
CA SER A 810 26.33 17.48 -52.94
C SER A 810 27.68 17.96 -52.43
N GLU A 811 27.68 19.17 -51.88
CA GLU A 811 28.88 19.77 -51.35
C GLU A 811 28.67 20.11 -49.88
N ASP A 812 29.62 19.69 -49.04
CA ASP A 812 29.54 19.91 -47.59
C ASP A 812 29.73 21.37 -47.19
N PHE A 813 28.65 22.15 -47.29
CA PHE A 813 28.65 23.59 -46.98
C PHE A 813 27.34 23.98 -46.30
N ASN A 814 26.31 23.18 -46.56
CA ASN A 814 24.95 23.47 -46.14
C ASN A 814 24.59 22.65 -44.90
N PHE A 815 24.14 23.32 -43.84
CA PHE A 815 23.89 22.63 -42.58
C PHE A 815 22.39 22.62 -42.20
N SER A 816 21.92 21.51 -41.65
CA SER A 816 20.49 21.34 -41.36
C SER A 816 20.20 20.89 -39.92
N LEU A 817 19.11 21.39 -39.38
CA LEU A 817 18.63 21.03 -38.05
C LEU A 817 18.41 19.52 -37.90
N GLY A 818 17.78 18.91 -38.90
CA GLY A 818 17.51 17.48 -38.86
C GLY A 818 18.76 16.62 -38.79
N GLU A 819 19.72 16.92 -39.64
CA GLU A 819 20.97 16.19 -39.66
C GLU A 819 21.63 16.32 -38.31
N SER A 820 21.66 17.54 -37.80
CA SER A 820 22.37 17.84 -36.55
C SER A 820 21.77 17.12 -35.35
N CYS A 821 20.45 17.04 -35.30
CA CYS A 821 19.81 16.31 -34.21
C CYS A 821 20.09 14.82 -34.25
N ILE A 822 20.15 14.25 -35.45
CA ILE A 822 20.46 12.84 -35.54
C ILE A 822 21.87 12.59 -34.97
N HIS A 823 22.82 13.48 -35.27
CA HIS A 823 24.16 13.32 -34.71
C HIS A 823 24.17 13.50 -33.22
N MET A 824 23.41 14.46 -32.73
CA MET A 824 23.40 14.66 -31.30
C MET A 824 22.65 13.53 -30.61
N ALA A 825 21.47 13.20 -31.12
CA ALA A 825 20.68 12.11 -30.56
C ALA A 825 21.45 10.82 -30.47
N ARG A 826 22.24 10.53 -31.50
CA ARG A 826 22.95 9.29 -31.54
C ARG A 826 23.92 9.18 -30.38
N ARG A 827 24.75 10.21 -30.26
CA ARG A 827 25.79 10.25 -29.24
C ARG A 827 25.17 10.02 -27.85
N LYS A 828 24.08 10.73 -27.60
CA LYS A 828 23.35 10.60 -26.35
C LYS A 828 22.84 9.18 -26.15
N ILE A 829 22.23 8.62 -27.18
CA ILE A 829 21.69 7.28 -27.06
C ILE A 829 22.76 6.27 -26.67
N ALA A 830 23.93 6.35 -27.28
CA ALA A 830 24.98 5.39 -26.97
C ALA A 830 25.39 5.48 -25.51
N LYS A 831 25.51 6.70 -24.96
CA LYS A 831 25.86 6.82 -23.54
C LYS A 831 24.77 6.28 -22.61
N LEU A 832 23.51 6.44 -23.01
CA LEU A 832 22.40 5.88 -22.25
C LEU A 832 22.38 4.35 -22.28
N ILE A 833 22.65 3.77 -23.44
CA ILE A 833 22.21 2.42 -23.77
C ILE A 833 23.30 1.32 -23.86
N GLY A 834 24.55 1.75 -24.03
CA GLY A 834 25.64 0.80 -24.25
C GLY A 834 25.75 0.39 -25.70
N ASP A 835 26.86 -0.26 -26.08
CA ASP A 835 27.00 -0.74 -27.46
C ASP A 835 26.07 -1.90 -27.72
N VAL A 836 25.73 -2.63 -26.67
CA VAL A 836 25.00 -3.87 -26.85
C VAL A 836 24.13 -4.18 -25.64
N PRO A 837 22.95 -4.80 -25.87
CA PRO A 837 22.06 -5.27 -24.81
C PRO A 837 22.82 -6.29 -24.00
N SER A 838 22.88 -6.17 -22.67
CA SER A 838 23.66 -7.11 -21.85
C SER A 838 22.97 -8.45 -21.66
N VAL A 839 23.74 -9.49 -21.35
CA VAL A 839 23.16 -10.80 -21.10
C VAL A 839 22.30 -10.71 -19.85
N GLU A 840 22.78 -9.96 -18.86
CA GLU A 840 22.03 -9.78 -17.63
C GLU A 840 20.68 -9.17 -17.99
N GLY A 841 20.71 -8.12 -18.80
CA GLY A 841 19.50 -7.42 -19.17
C GLY A 841 18.51 -8.39 -19.75
N MET A 842 18.91 -9.06 -20.83
CA MET A 842 18.04 -10.00 -21.52
C MET A 842 17.53 -11.12 -20.63
N LEU A 843 18.37 -11.57 -19.70
CA LEU A 843 18.00 -12.73 -18.89
C LEU A 843 16.97 -12.28 -17.85
N ARG A 844 16.94 -10.98 -17.61
CA ARG A 844 16.02 -10.45 -16.64
C ARG A 844 14.66 -10.13 -17.28
N HIS A 845 14.63 -9.87 -18.58
CA HIS A 845 13.42 -9.29 -19.18
C HIS A 845 12.72 -10.13 -20.25
N CYS A 846 13.39 -11.13 -20.80
CA CYS A 846 12.73 -12.00 -21.75
C CYS A 846 11.69 -12.86 -21.07
N ARG A 847 10.53 -12.96 -21.70
CA ARG A 847 9.41 -13.65 -21.07
C ARG A 847 8.25 -13.75 -22.05
N PHE A 848 7.24 -14.53 -21.67
CA PHE A 848 6.13 -14.76 -22.57
C PHE A 848 4.93 -13.87 -22.34
N SER A 849 4.64 -13.56 -21.10
CA SER A 849 3.49 -12.71 -20.80
C SER A 849 2.81 -12.26 -22.10
N GLY A 850 1.79 -12.97 -22.57
CA GLY A 850 1.17 -12.50 -23.78
C GLY A 850 -0.32 -12.55 -23.98
N GLY A 851 -0.73 -12.14 -25.18
CA GLY A 851 -1.95 -12.54 -25.82
C GLY A 851 -1.57 -13.39 -27.03
N ALA A 852 -2.08 -13.05 -28.20
CA ALA A 852 -1.95 -13.95 -29.36
C ALA A 852 -0.59 -13.96 -30.04
N THR A 853 -0.22 -15.12 -30.51
CA THR A 853 0.96 -15.25 -31.35
C THR A 853 0.58 -15.89 -32.67
N THR A 854 1.58 -15.96 -33.51
CA THR A 854 1.47 -16.48 -34.85
C THR A 854 0.97 -17.93 -34.85
N THR A 855 0.97 -18.55 -33.69
CA THR A 855 0.55 -19.95 -33.54
C THR A 855 -0.65 -20.11 -32.59
N ASN A 856 -0.73 -19.26 -31.57
CA ASN A 856 -1.81 -19.28 -30.61
C ASN A 856 -2.78 -18.13 -30.85
N ASN A 857 -4.07 -18.43 -30.97
CA ASN A 857 -5.06 -17.39 -30.94
C ASN A 857 -5.24 -16.86 -29.49
N ARG A 858 -6.13 -15.89 -29.33
CA ARG A 858 -6.37 -15.26 -28.05
C ARG A 858 -6.76 -16.28 -27.00
N SER A 859 -7.55 -17.29 -27.38
CA SER A 859 -7.91 -18.36 -26.46
C SER A 859 -6.67 -18.93 -25.81
N TYR A 860 -5.61 -19.08 -26.59
CA TYR A 860 -4.38 -19.71 -26.10
C TYR A 860 -3.27 -18.69 -25.89
N GLY A 861 -3.65 -17.52 -25.38
CA GLY A 861 -2.77 -16.39 -25.29
C GLY A 861 -1.98 -16.42 -24.00
N HIS A 862 -2.57 -17.01 -22.97
CA HIS A 862 -1.91 -17.10 -21.68
C HIS A 862 -0.52 -17.70 -21.83
N PRO A 863 0.47 -17.11 -21.16
CA PRO A 863 1.86 -17.55 -21.23
C PRO A 863 2.07 -19.09 -21.18
N SER A 864 1.23 -19.78 -20.41
CA SER A 864 1.44 -21.21 -20.17
C SER A 864 1.31 -22.03 -21.44
N PHE A 865 0.48 -21.54 -22.38
CA PHE A 865 0.32 -22.21 -23.68
C PHE A 865 1.49 -21.90 -24.59
N LYS A 866 2.15 -20.78 -24.37
CA LYS A 866 3.36 -20.46 -25.11
C LYS A 866 4.48 -21.45 -24.76
N PHE A 867 4.61 -21.81 -23.48
CA PHE A 867 5.58 -22.85 -23.11
C PHE A 867 5.11 -24.24 -23.53
N ALA A 868 3.80 -24.39 -23.78
CA ALA A 868 3.28 -25.71 -24.10
C ALA A 868 3.34 -25.94 -25.60
N LEU A 869 2.51 -25.19 -26.35
CA LEU A 869 2.57 -25.24 -27.81
C LEU A 869 3.89 -24.67 -28.34
N PRO A 870 4.46 -25.30 -29.38
CA PRO A 870 5.66 -24.78 -30.04
C PRO A 870 5.42 -23.45 -30.75
N GLN A 871 6.34 -22.49 -30.59
CA GLN A 871 6.14 -21.18 -31.18
C GLN A 871 6.97 -21.00 -32.45
N ALA A 872 6.49 -20.17 -33.36
CA ALA A 872 7.25 -19.88 -34.55
C ALA A 872 8.42 -19.00 -34.19
N CYS A 873 9.34 -18.85 -35.13
CA CYS A 873 10.46 -17.99 -34.87
C CYS A 873 11.15 -17.69 -36.16
N THR A 874 11.87 -16.58 -36.16
CA THR A 874 12.39 -15.98 -37.36
C THR A 874 13.76 -16.56 -37.68
N PRO A 875 14.16 -16.57 -38.97
CA PRO A 875 15.51 -17.07 -39.26
C PRO A 875 16.61 -16.39 -38.43
N ARG A 876 16.65 -15.06 -38.39
CA ARG A 876 17.71 -14.41 -37.61
C ARG A 876 17.54 -14.63 -36.11
N ALA A 877 16.30 -14.93 -35.71
CA ALA A 877 16.00 -15.09 -34.29
C ALA A 877 16.37 -16.47 -33.71
N LEU A 878 16.64 -17.43 -34.60
CA LEU A 878 16.87 -18.82 -34.20
C LEU A 878 17.99 -19.03 -33.17
N LYS A 879 19.06 -18.23 -33.24
CA LYS A 879 20.16 -18.32 -32.28
C LYS A 879 19.69 -18.08 -30.84
N TYR A 880 18.77 -17.12 -30.67
CA TYR A 880 18.31 -16.72 -29.34
C TYR A 880 17.58 -17.89 -28.70
N VAL A 881 16.72 -18.53 -29.47
CA VAL A 881 16.01 -19.74 -29.04
C VAL A 881 16.97 -20.88 -28.68
N LEU A 882 17.98 -21.08 -29.53
CA LEU A 882 18.98 -22.13 -29.32
C LEU A 882 19.68 -21.93 -28.00
N ALA A 883 19.98 -20.66 -27.70
CA ALA A 883 20.65 -20.33 -26.46
C ALA A 883 19.74 -20.60 -25.24
N LEU A 884 18.45 -20.27 -25.37
CA LEU A 884 17.49 -20.58 -24.32
C LEU A 884 17.51 -22.10 -24.11
N ARG A 885 17.49 -22.84 -25.22
CA ARG A 885 17.45 -24.29 -25.17
C ARG A 885 18.66 -24.91 -24.45
N ALA A 886 19.82 -24.31 -24.63
CA ALA A 886 21.03 -24.78 -23.99
C ALA A 886 21.14 -24.30 -22.54
N SER A 887 20.15 -23.56 -22.08
CA SER A 887 20.23 -23.00 -20.74
C SER A 887 19.28 -23.76 -19.82
N THR A 888 18.57 -24.73 -20.38
CA THR A 888 17.58 -25.42 -19.59
C THR A 888 17.41 -26.86 -20.06
N HIS A 889 17.01 -27.71 -19.12
CA HIS A 889 16.78 -29.11 -19.42
C HIS A 889 15.39 -29.37 -19.95
N PHE A 890 14.50 -28.40 -19.79
CA PHE A 890 13.18 -28.55 -20.37
C PHE A 890 13.29 -28.40 -21.87
N ASP A 891 12.33 -28.97 -22.59
CA ASP A 891 12.24 -28.84 -24.03
C ASP A 891 11.82 -27.46 -24.41
N ILE A 892 12.55 -26.87 -25.35
CA ILE A 892 12.19 -25.60 -25.96
C ILE A 892 12.06 -25.90 -27.44
N ARG A 893 10.86 -25.78 -27.96
CA ARG A 893 10.58 -26.30 -29.30
C ARG A 893 10.12 -25.23 -30.29
N ILE A 894 10.62 -25.28 -31.51
CA ILE A 894 10.19 -24.33 -32.52
C ILE A 894 9.15 -24.96 -33.45
N SER A 895 8.00 -24.32 -33.63
CA SER A 895 6.99 -24.86 -34.51
C SER A 895 7.49 -24.79 -35.93
N ASP A 896 7.56 -23.58 -36.49
CA ASP A 896 8.07 -23.39 -37.84
C ASP A 896 9.01 -22.17 -37.92
N ILE A 897 10.03 -22.27 -38.75
CA ILE A 897 11.08 -21.25 -38.77
C ILE A 897 10.84 -20.36 -39.99
N SER A 898 10.12 -19.25 -39.79
CA SER A 898 9.70 -18.38 -40.90
C SER A 898 9.91 -16.87 -40.63
N PRO A 899 9.95 -16.06 -41.70
CA PRO A 899 10.28 -14.65 -41.52
C PRO A 899 9.03 -13.81 -41.31
N PHE A 900 7.87 -14.43 -41.33
CA PHE A 900 6.59 -13.69 -41.36
C PHE A 900 5.88 -13.48 -40.02
N ASN A 901 5.26 -12.30 -39.89
CA ASN A 901 4.26 -12.05 -38.86
C ASN A 901 2.95 -11.85 -39.57
N LYS A 902 1.86 -11.77 -38.81
CA LYS A 902 0.52 -11.58 -39.33
C LYS A 902 0.06 -10.17 -39.06
N ALA A 903 -0.24 -9.45 -40.13
CA ALA A 903 -0.81 -8.13 -40.02
C ALA A 903 -2.33 -8.30 -39.97
N VAL A 904 -2.94 -7.76 -38.94
CA VAL A 904 -4.37 -7.91 -38.76
C VAL A 904 -4.90 -6.57 -38.34
N THR A 905 -6.16 -6.52 -37.89
CA THR A 905 -6.86 -5.27 -37.70
C THR A 905 -7.65 -5.30 -36.39
N VAL A 906 -7.63 -4.19 -35.64
CA VAL A 906 -8.40 -4.10 -34.41
C VAL A 906 -9.16 -2.79 -34.40
N PRO A 907 -10.24 -2.72 -33.63
CA PRO A 907 -11.09 -1.51 -33.63
C PRO A 907 -10.31 -0.30 -33.10
N LYS A 908 -10.70 0.89 -33.55
CA LYS A 908 -10.10 2.13 -33.04
C LYS A 908 -11.15 3.19 -32.81
N ASN A 909 -11.55 3.87 -33.87
CA ASN A 909 -12.66 4.79 -33.79
C ASN A 909 -13.67 4.57 -34.92
N SER A 910 -14.71 5.39 -34.95
CA SER A 910 -15.84 5.20 -35.84
C SER A 910 -15.42 5.29 -37.30
N LYS A 911 -14.31 5.98 -37.56
CA LYS A 911 -13.84 6.31 -38.91
C LYS A 911 -12.79 5.34 -39.46
N THR A 912 -12.13 4.59 -38.61
CA THR A 912 -11.05 3.71 -39.08
C THR A 912 -10.71 2.66 -38.05
N ASP A 913 -10.30 1.48 -38.49
CA ASP A 913 -9.75 0.50 -37.56
C ASP A 913 -8.29 0.86 -37.36
N ARG A 914 -7.52 0.00 -36.73
CA ARG A 914 -6.08 0.19 -36.68
C ARG A 914 -5.35 -1.14 -36.84
N CYS A 915 -4.44 -1.20 -37.79
CA CYS A 915 -3.71 -2.42 -38.07
C CYS A 915 -2.62 -2.59 -37.04
N ILE A 916 -2.41 -3.84 -36.62
CA ILE A 916 -1.36 -4.16 -35.69
C ILE A 916 -0.70 -5.42 -36.21
N ALA A 917 0.18 -6.00 -35.41
CA ALA A 917 0.96 -7.14 -35.87
C ALA A 917 1.01 -8.21 -34.80
N ILE A 918 0.62 -9.43 -35.16
CA ILE A 918 0.77 -10.58 -34.29
C ILE A 918 2.11 -11.25 -34.59
N GLU A 919 3.01 -11.25 -33.64
CA GLU A 919 4.37 -11.71 -33.91
C GLU A 919 4.55 -13.23 -33.73
N PRO A 920 5.62 -13.75 -34.30
CA PRO A 920 6.06 -15.10 -33.95
C PRO A 920 6.42 -15.19 -32.45
N GLY A 921 5.78 -16.12 -31.74
CA GLY A 921 5.98 -16.33 -30.32
C GLY A 921 7.38 -16.18 -29.74
N TRP A 922 8.35 -16.91 -30.29
CA TRP A 922 9.74 -16.80 -29.79
C TRP A 922 10.37 -15.42 -30.02
N ASN A 923 10.02 -14.78 -31.13
CA ASN A 923 10.39 -13.39 -31.35
C ASN A 923 9.88 -12.48 -30.24
N MET A 924 8.57 -12.53 -29.98
CA MET A 924 7.97 -11.74 -28.89
C MET A 924 8.75 -11.92 -27.60
N PHE A 925 9.07 -13.18 -27.30
CA PHE A 925 9.71 -13.55 -26.05
C PHE A 925 10.97 -12.71 -25.89
N PHE A 926 11.77 -12.57 -26.94
CA PHE A 926 13.01 -11.81 -26.82
C PHE A 926 12.81 -10.30 -26.96
N GLN A 927 11.98 -9.90 -27.91
CA GLN A 927 11.52 -8.52 -27.98
C GLN A 927 11.17 -7.95 -26.60
N LEU A 928 10.45 -8.72 -25.78
CA LEU A 928 10.15 -8.23 -24.45
C LEU A 928 11.40 -8.02 -23.59
N GLY A 929 12.42 -8.82 -23.87
CA GLY A 929 13.74 -8.61 -23.30
C GLY A 929 14.31 -7.23 -23.56
N ILE A 930 14.45 -6.80 -24.82
CA ILE A 930 15.03 -5.48 -25.01
C ILE A 930 14.01 -4.40 -24.63
N GLY A 931 12.73 -4.68 -24.84
CA GLY A 931 11.69 -3.81 -24.33
C GLY A 931 11.91 -3.48 -22.85
N GLY A 932 12.19 -4.52 -22.06
CA GLY A 932 12.42 -4.40 -20.63
C GLY A 932 13.71 -3.66 -20.33
N ILE A 933 14.78 -3.95 -21.06
CA ILE A 933 15.98 -3.17 -20.80
C ILE A 933 15.84 -1.66 -21.13
N LEU A 934 15.25 -1.29 -22.26
CA LEU A 934 15.07 0.13 -22.56
C LEU A 934 14.19 0.84 -21.51
N ARG A 935 13.18 0.11 -21.03
CA ARG A 935 12.39 0.62 -19.93
C ARG A 935 13.30 0.96 -18.74
N ASP A 936 14.28 0.13 -18.43
CA ASP A 936 15.12 0.42 -17.27
C ASP A 936 15.96 1.64 -17.55
N ARG A 937 16.56 1.68 -18.74
CA ARG A 937 17.49 2.74 -19.11
C ARG A 937 16.81 4.10 -19.20
N LEU A 938 15.60 4.12 -19.74
CA LEU A 938 14.91 5.38 -19.94
C LEU A 938 14.72 6.11 -18.63
N ARG A 939 14.87 5.40 -17.52
CA ARG A 939 14.71 6.06 -16.22
C ARG A 939 15.74 7.17 -16.01
N CYS A 940 16.94 7.00 -16.53
CA CYS A 940 17.95 8.05 -16.44
C CYS A 940 17.61 9.32 -17.20
N TRP A 941 16.65 9.25 -18.13
CA TRP A 941 16.24 10.46 -18.83
C TRP A 941 15.02 10.96 -18.09
N GLY A 942 14.85 10.45 -16.87
CA GLY A 942 13.69 10.80 -16.08
C GLY A 942 12.36 10.45 -16.77
N ILE A 943 12.40 9.42 -17.61
CA ILE A 943 11.23 8.90 -18.29
C ILE A 943 10.84 7.54 -17.72
N ASP A 944 9.58 7.40 -17.32
CA ASP A 944 9.15 6.24 -16.57
C ASP A 944 7.93 5.61 -17.22
N LEU A 945 8.15 4.56 -18.00
CA LEU A 945 7.10 4.05 -18.88
C LEU A 945 6.05 3.19 -18.16
N ASN A 946 6.24 2.99 -16.87
CA ASN A 946 5.26 2.25 -16.08
C ASN A 946 4.41 3.19 -15.29
N ASP A 947 4.30 4.43 -15.75
CA ASP A 947 3.62 5.45 -14.98
C ASP A 947 3.16 6.62 -15.83
N GLN A 948 1.91 6.62 -16.25
CA GLN A 948 1.46 7.72 -17.10
C GLN A 948 0.93 8.93 -16.33
N THR A 949 1.09 8.93 -15.01
CA THR A 949 0.66 10.08 -14.22
C THR A 949 1.65 11.26 -14.32
N ILE A 950 2.93 10.99 -14.52
CA ILE A 950 3.81 12.14 -14.73
C ILE A 950 3.45 12.86 -16.03
N ASN A 951 2.97 12.17 -17.06
CA ASN A 951 2.58 12.90 -18.27
C ASN A 951 1.24 13.61 -18.11
N GLN A 952 0.36 13.01 -17.33
CA GLN A 952 -0.95 13.61 -17.08
C GLN A 952 -0.76 14.92 -16.33
N ARG A 953 0.16 14.94 -15.38
CA ARG A 953 0.35 16.11 -14.54
C ARG A 953 1.04 17.22 -15.29
N ARG A 954 1.97 16.87 -16.15
CA ARG A 954 2.59 17.92 -16.94
C ARG A 954 1.62 18.42 -18.00
N ALA A 955 0.69 17.59 -18.43
CA ALA A 955 -0.36 18.08 -19.31
C ALA A 955 -1.13 19.18 -18.56
N HIS A 956 -1.37 18.96 -17.28
CA HIS A 956 -2.17 19.90 -16.48
C HIS A 956 -1.42 21.22 -16.26
N GLU A 957 -0.18 21.13 -15.80
CA GLU A 957 0.69 22.27 -15.69
C GLU A 957 0.71 23.06 -16.99
N GLY A 958 0.91 22.36 -18.09
CA GLY A 958 0.91 22.99 -19.40
C GLY A 958 -0.33 23.82 -19.72
N SER A 959 -1.50 23.39 -19.27
CA SER A 959 -2.72 24.12 -19.55
C SER A 959 -2.82 25.36 -18.65
N VAL A 960 -2.01 25.39 -17.60
CA VAL A 960 -1.98 26.55 -16.74
C VAL A 960 -0.88 27.53 -17.18
N THR A 961 0.34 27.01 -17.31
CA THR A 961 1.51 27.85 -17.52
C THR A 961 1.78 28.17 -18.98
N ASN A 962 1.25 27.35 -19.89
CA ASN A 962 1.59 27.41 -21.30
C ASN A 962 3.08 27.28 -21.62
N ASN A 963 3.88 26.90 -20.63
CA ASN A 963 5.30 26.69 -20.95
C ASN A 963 5.68 25.31 -21.43
N LEU A 964 4.75 24.35 -21.33
CA LEU A 964 4.96 23.00 -21.82
C LEU A 964 3.94 22.73 -22.87
N ALA A 965 4.33 22.01 -23.92
CA ALA A 965 3.41 21.63 -24.98
C ALA A 965 3.20 20.11 -25.00
N THR A 966 2.00 19.69 -25.37
CA THR A 966 1.75 18.28 -25.66
C THR A 966 1.75 18.06 -27.18
N VAL A 967 2.49 17.06 -27.63
CA VAL A 967 2.68 16.83 -29.05
C VAL A 967 2.28 15.40 -29.38
N ASP A 968 1.64 15.23 -30.56
CA ASP A 968 1.23 13.92 -31.06
C ASP A 968 1.73 13.65 -32.47
N LEU A 969 2.23 12.46 -32.75
CA LEU A 969 2.55 12.10 -34.13
C LEU A 969 1.40 11.30 -34.71
N SER A 970 1.38 11.09 -36.03
CA SER A 970 0.28 10.32 -36.62
C SER A 970 0.45 8.81 -36.57
N ALA A 971 0.84 8.18 -37.65
CA ALA A 971 1.11 6.76 -37.49
C ALA A 971 2.46 6.61 -36.79
N ALA A 972 2.50 6.99 -35.51
CA ALA A 972 3.76 7.08 -34.81
C ALA A 972 4.60 5.82 -34.91
N SER A 973 4.06 4.71 -34.41
CA SER A 973 4.75 3.43 -34.51
C SER A 973 5.05 3.05 -35.98
N ASP A 974 4.12 3.32 -36.88
CA ASP A 974 4.31 2.91 -38.27
C ASP A 974 5.30 3.76 -39.04
N SER A 975 5.94 4.72 -38.40
CA SER A 975 6.74 5.68 -39.17
C SER A 975 8.21 5.66 -38.85
N ILE A 976 8.59 4.91 -37.83
CA ILE A 976 9.98 4.67 -37.48
C ILE A 976 10.62 3.77 -38.52
N SER A 977 11.33 4.36 -39.47
CA SER A 977 11.83 3.66 -40.63
C SER A 977 13.08 2.91 -40.27
N LEU A 978 13.47 1.95 -41.09
CA LEU A 978 14.71 1.23 -40.83
C LEU A 978 15.89 2.20 -40.77
N ALA A 979 15.92 3.15 -41.71
CA ALA A 979 17.05 4.07 -41.80
C ALA A 979 17.24 4.87 -40.52
N LEU A 980 16.16 5.44 -39.99
CA LEU A 980 16.27 6.22 -38.77
C LEU A 980 16.94 5.42 -37.63
N CYS A 981 16.57 4.14 -37.50
CA CYS A 981 17.15 3.31 -36.46
C CYS A 981 18.63 3.07 -36.61
N GLU A 982 19.06 2.79 -37.83
CA GLU A 982 20.46 2.47 -38.07
C GLU A 982 21.38 3.68 -37.82
N LEU A 983 20.87 4.89 -38.04
CA LEU A 983 21.60 6.12 -37.71
C LEU A 983 21.58 6.53 -36.22
N LEU A 984 20.58 6.10 -35.46
CA LEU A 984 20.50 6.51 -34.06
C LEU A 984 21.09 5.51 -33.05
N LEU A 985 20.92 4.21 -33.31
CA LEU A 985 21.32 3.15 -32.34
C LEU A 985 22.74 2.65 -32.54
N PRO A 986 23.38 2.18 -31.46
CA PRO A 986 24.66 1.51 -31.67
C PRO A 986 24.50 0.32 -32.62
N PRO A 987 25.47 0.06 -33.53
CA PRO A 987 25.45 -1.09 -34.44
C PRO A 987 25.05 -2.35 -33.70
N GLY A 988 25.74 -2.64 -32.59
CA GLY A 988 25.41 -3.78 -31.76
C GLY A 988 23.92 -3.90 -31.51
N TRP A 989 23.30 -2.82 -31.05
CA TRP A 989 21.85 -2.82 -30.79
C TRP A 989 21.08 -3.06 -32.06
N PHE A 990 21.49 -2.39 -33.13
CA PHE A 990 20.74 -2.47 -34.37
C PHE A 990 20.67 -3.91 -34.85
N GLU A 991 21.83 -4.56 -34.97
CA GLU A 991 21.87 -5.97 -35.30
C GLU A 991 20.88 -6.78 -34.41
N VAL A 992 20.94 -6.58 -33.10
CA VAL A 992 20.03 -7.28 -32.21
C VAL A 992 18.58 -6.92 -32.51
N LEU A 993 18.34 -5.66 -32.88
CA LEU A 993 16.99 -5.28 -33.22
C LEU A 993 16.56 -5.94 -34.52
N MET A 994 17.53 -6.17 -35.40
CA MET A 994 17.23 -6.70 -36.73
C MET A 994 17.09 -8.22 -36.72
N ASP A 995 17.74 -8.86 -35.75
CA ASP A 995 17.54 -10.29 -35.54
C ASP A 995 16.11 -10.47 -35.05
N LEU A 996 15.60 -9.50 -34.29
CA LEU A 996 14.40 -9.77 -33.51
C LEU A 996 13.09 -9.35 -34.16
N ARG A 997 13.13 -8.39 -35.07
CA ARG A 997 11.92 -8.05 -35.79
C ARG A 997 11.43 -9.14 -36.78
N SER A 998 10.16 -9.03 -37.17
CA SER A 998 9.67 -9.72 -38.33
C SER A 998 10.01 -8.85 -39.52
N PRO A 999 10.89 -9.35 -40.40
CA PRO A 999 11.22 -8.64 -41.64
C PRO A 999 10.11 -8.62 -42.68
N LYS A 1000 9.20 -9.59 -42.64
CA LYS A 1000 8.14 -9.66 -43.64
C LYS A 1000 6.74 -9.75 -43.00
N GLY A 1001 5.73 -9.35 -43.76
CA GLY A 1001 4.38 -9.35 -43.22
C GLY A 1001 3.36 -10.01 -44.13
N ARG A 1002 2.37 -10.65 -43.54
CA ARG A 1002 1.34 -11.32 -44.33
C ARG A 1002 -0.04 -10.80 -43.99
N LEU A 1003 -0.67 -10.17 -44.98
CA LEU A 1003 -1.96 -9.53 -44.76
C LEU A 1003 -3.12 -10.52 -44.80
N PRO A 1004 -4.30 -10.13 -44.30
CA PRO A 1004 -5.44 -11.05 -44.30
C PRO A 1004 -5.80 -11.33 -45.75
N ASP A 1005 -5.74 -10.27 -46.54
CA ASP A 1005 -5.69 -10.33 -47.98
C ASP A 1005 -4.98 -11.57 -48.56
N GLY A 1006 -3.93 -12.04 -47.89
CA GLY A 1006 -3.14 -13.15 -48.39
C GLY A 1006 -1.77 -12.74 -48.95
N SER A 1007 -1.65 -11.45 -49.29
CA SER A 1007 -0.42 -10.90 -49.86
C SER A 1007 0.69 -10.74 -48.82
N VAL A 1008 1.84 -10.22 -49.26
CA VAL A 1008 2.95 -9.97 -48.36
C VAL A 1008 3.49 -8.53 -48.42
N VAL A 1009 4.24 -8.14 -47.39
CA VAL A 1009 5.00 -6.90 -47.43
C VAL A 1009 6.38 -7.19 -46.92
N THR A 1010 7.34 -6.45 -47.43
CA THR A 1010 8.67 -6.43 -46.82
C THR A 1010 8.78 -5.08 -46.13
N TYR A 1011 8.77 -5.12 -44.81
CA TYR A 1011 8.62 -3.92 -44.00
C TYR A 1011 9.70 -2.90 -44.24
N GLU A 1012 9.22 -1.70 -44.56
CA GLU A 1012 10.02 -0.51 -44.65
C GLU A 1012 10.17 0.12 -43.24
N LYS A 1013 9.27 -0.22 -42.32
CA LYS A 1013 9.36 0.27 -40.95
C LYS A 1013 10.19 -0.73 -40.16
N ILE A 1014 10.68 -0.36 -38.98
CA ILE A 1014 11.50 -1.25 -38.17
C ILE A 1014 10.61 -2.30 -37.51
N SER A 1015 9.46 -1.83 -37.02
CA SER A 1015 8.52 -2.73 -36.36
C SER A 1015 7.23 -1.96 -36.18
N SER A 1016 6.16 -2.69 -35.89
CA SER A 1016 4.86 -2.11 -35.65
C SER A 1016 4.46 -2.32 -34.22
N MET A 1017 3.36 -1.69 -33.83
CA MET A 1017 2.77 -1.99 -32.54
C MET A 1017 2.36 -3.45 -32.57
N GLY A 1018 2.57 -4.14 -31.46
CA GLY A 1018 2.36 -5.57 -31.42
C GLY A 1018 3.67 -6.25 -31.17
N ASN A 1019 4.73 -5.58 -31.57
CA ASN A 1019 6.09 -6.05 -31.34
C ASN A 1019 6.57 -5.73 -29.90
N GLY A 1020 7.43 -6.57 -29.36
CA GLY A 1020 7.73 -6.52 -27.94
C GLY A 1020 8.54 -5.33 -27.47
N TYR A 1021 9.15 -4.63 -28.41
CA TYR A 1021 9.96 -3.46 -28.09
C TYR A 1021 9.49 -2.16 -28.75
N THR A 1022 8.65 -2.24 -29.77
CA THR A 1022 8.23 -1.06 -30.53
C THR A 1022 7.97 0.17 -29.66
N PHE A 1023 7.14 0.01 -28.64
CA PHE A 1023 6.72 1.08 -27.76
C PHE A 1023 7.88 1.72 -26.96
N GLU A 1024 8.80 0.92 -26.44
CA GLU A 1024 9.95 1.48 -25.75
C GLU A 1024 10.90 2.12 -26.76
N LEU A 1025 10.93 1.58 -27.97
CA LEU A 1025 11.83 2.13 -28.97
C LEU A 1025 11.34 3.46 -29.47
N GLU A 1026 10.02 3.63 -29.58
CA GLU A 1026 9.49 4.92 -29.98
C GLU A 1026 9.88 5.92 -28.92
N SER A 1027 9.76 5.48 -27.68
CA SER A 1027 9.97 6.33 -26.56
C SER A 1027 11.40 6.85 -26.63
N LEU A 1028 12.33 5.94 -26.82
CA LEU A 1028 13.74 6.31 -26.90
C LEU A 1028 14.02 7.26 -28.07
N ILE A 1029 13.59 6.88 -29.28
CA ILE A 1029 13.76 7.74 -30.45
C ILE A 1029 13.18 9.14 -30.19
N PHE A 1030 11.95 9.18 -29.67
CA PHE A 1030 11.26 10.46 -29.51
C PHE A 1030 11.91 11.32 -28.46
N ALA A 1031 12.20 10.74 -27.31
CA ALA A 1031 12.95 11.44 -26.29
C ALA A 1031 14.31 11.94 -26.81
N SER A 1032 15.06 11.12 -27.51
CA SER A 1032 16.41 11.54 -27.86
C SER A 1032 16.43 12.68 -28.85
N LEU A 1033 15.46 12.70 -29.77
CA LEU A 1033 15.30 13.80 -30.71
C LEU A 1033 14.88 15.06 -29.99
N ALA A 1034 13.94 14.93 -29.04
CA ALA A 1034 13.39 16.12 -28.39
C ALA A 1034 14.48 16.75 -27.52
N ARG A 1035 15.19 15.89 -26.79
CA ARG A 1035 16.32 16.30 -25.95
C ARG A 1035 17.41 16.96 -26.75
N SER A 1036 17.69 16.41 -27.93
CA SER A 1036 18.64 17.05 -28.84
C SER A 1036 18.15 18.42 -29.29
N VAL A 1037 16.85 18.55 -29.51
CA VAL A 1037 16.28 19.85 -29.88
C VAL A 1037 16.43 20.85 -28.72
N CYS A 1038 16.22 20.37 -27.50
CA CYS A 1038 16.50 21.19 -26.33
C CYS A 1038 17.93 21.70 -26.21
N GLU A 1039 18.93 20.84 -26.37
CA GLU A 1039 20.31 21.31 -26.28
C GLU A 1039 20.50 22.39 -27.33
N ILE A 1040 19.96 22.15 -28.51
CA ILE A 1040 20.25 23.04 -29.63
C ILE A 1040 19.61 24.40 -29.42
N LEU A 1041 18.56 24.46 -28.60
CA LEU A 1041 17.87 25.72 -28.29
C LEU A 1041 18.23 26.31 -26.91
N ASP A 1042 19.13 25.68 -26.18
CA ASP A 1042 19.47 26.12 -24.82
C ASP A 1042 18.30 25.99 -23.82
N LEU A 1043 17.59 24.84 -23.86
CA LEU A 1043 16.61 24.43 -22.83
C LEU A 1043 17.06 23.15 -22.10
N ASP A 1044 16.61 22.91 -20.87
CA ASP A 1044 16.98 21.64 -20.19
C ASP A 1044 16.40 20.41 -20.91
N SER A 1045 17.27 19.51 -21.36
CA SER A 1045 16.84 18.18 -21.75
C SER A 1045 15.81 17.57 -20.78
N SER A 1046 16.00 17.82 -19.49
CA SER A 1046 15.18 17.21 -18.47
C SER A 1046 13.74 17.73 -18.49
N GLU A 1047 13.48 18.78 -19.27
CA GLU A 1047 12.12 19.23 -19.37
C GLU A 1047 11.35 18.31 -20.33
N VAL A 1048 12.07 17.40 -20.98
CA VAL A 1048 11.47 16.46 -21.94
C VAL A 1048 10.92 15.22 -21.28
N THR A 1049 9.72 14.85 -21.66
CA THR A 1049 9.12 13.71 -21.07
C THR A 1049 8.24 12.98 -22.10
N VAL A 1050 8.27 11.65 -22.07
CA VAL A 1050 7.75 10.87 -23.18
C VAL A 1050 7.10 9.60 -22.68
N TYR A 1051 6.00 9.23 -23.31
CA TYR A 1051 5.29 7.99 -23.03
C TYR A 1051 4.77 7.49 -24.37
N GLY A 1052 5.46 6.53 -24.95
CA GLY A 1052 5.14 6.12 -26.30
C GLY A 1052 5.33 7.32 -27.17
N ASP A 1053 4.24 7.81 -27.76
CA ASP A 1053 4.36 9.02 -28.54
C ASP A 1053 3.59 10.20 -27.95
N ASP A 1054 3.10 10.09 -26.71
CA ASP A 1054 2.66 11.30 -26.03
C ASP A 1054 3.93 12.02 -25.58
N ILE A 1055 4.17 13.19 -26.17
CA ILE A 1055 5.43 13.87 -25.96
C ILE A 1055 5.17 15.21 -25.30
N ILE A 1056 5.96 15.54 -24.30
CA ILE A 1056 5.79 16.83 -23.67
C ILE A 1056 7.18 17.44 -23.56
N LEU A 1057 7.34 18.67 -24.05
CA LEU A 1057 8.61 19.38 -23.93
C LEU A 1057 8.29 20.86 -23.93
N PRO A 1058 9.27 21.72 -23.65
CA PRO A 1058 8.92 23.14 -23.54
C PRO A 1058 8.32 23.69 -24.84
N SER A 1059 7.36 24.59 -24.71
CA SER A 1059 6.62 25.11 -25.88
C SER A 1059 7.51 25.73 -26.96
N CYS A 1060 8.53 26.47 -26.55
CA CYS A 1060 9.46 27.14 -27.47
C CYS A 1060 10.12 26.16 -28.40
N ALA A 1061 10.13 24.90 -28.04
CA ALA A 1061 10.90 23.93 -28.78
C ALA A 1061 10.09 23.32 -29.92
N VAL A 1062 8.79 23.57 -29.97
CA VAL A 1062 7.91 22.82 -30.89
C VAL A 1062 8.21 23.08 -32.37
N PRO A 1063 8.34 24.35 -32.75
CA PRO A 1063 8.65 24.63 -34.15
C PRO A 1063 9.87 23.85 -34.68
N ALA A 1064 10.98 23.80 -33.92
CA ALA A 1064 12.16 23.02 -34.28
C ALA A 1064 11.91 21.50 -34.21
N LEU A 1065 11.21 21.07 -33.18
CA LEU A 1065 10.79 19.68 -33.06
C LEU A 1065 10.00 19.31 -34.29
N ARG A 1066 9.10 20.18 -34.73
CA ARG A 1066 8.34 19.93 -35.96
C ARG A 1066 9.27 19.75 -37.14
N GLU A 1067 10.34 20.53 -37.18
CA GLU A 1067 11.25 20.47 -38.31
C GLU A 1067 12.06 19.19 -38.29
N VAL A 1068 12.63 18.86 -37.13
CA VAL A 1068 13.38 17.61 -36.98
C VAL A 1068 12.45 16.44 -37.37
N PHE A 1069 11.26 16.41 -36.79
CA PHE A 1069 10.32 15.35 -37.09
C PHE A 1069 10.04 15.20 -38.58
N LYS A 1070 9.70 16.28 -39.27
CA LYS A 1070 9.54 16.19 -40.72
C LYS A 1070 10.78 15.52 -41.34
N TYR A 1071 11.96 15.95 -40.92
CA TYR A 1071 13.18 15.44 -41.53
C TYR A 1071 13.32 13.94 -41.38
N VAL A 1072 13.02 13.40 -40.20
CA VAL A 1072 13.34 12.00 -39.99
C VAL A 1072 12.20 11.06 -40.36
N GLY A 1073 11.12 11.61 -40.93
CA GLY A 1073 10.04 10.79 -41.46
C GLY A 1073 8.70 10.78 -40.72
N PHE A 1074 8.63 11.49 -39.61
CA PHE A 1074 7.42 11.50 -38.82
C PHE A 1074 6.52 12.60 -39.33
N THR A 1075 5.22 12.36 -39.27
CA THR A 1075 4.27 13.42 -39.53
C THR A 1075 3.56 13.76 -38.20
N THR A 1076 3.77 15.00 -37.77
CA THR A 1076 3.21 15.44 -36.51
C THR A 1076 1.75 15.81 -36.76
N ASN A 1077 0.89 15.43 -35.83
CA ASN A 1077 -0.57 15.65 -35.91
C ASN A 1077 -1.05 16.99 -35.38
N THR A 1078 -0.81 18.06 -36.13
CA THR A 1078 -1.35 19.40 -35.87
C THR A 1078 -2.67 19.48 -35.08
N LYS A 1079 -3.61 18.56 -35.34
CA LYS A 1079 -4.89 18.62 -34.64
C LYS A 1079 -4.78 18.19 -33.19
N LYS A 1080 -3.87 17.26 -32.91
CA LYS A 1080 -3.72 16.73 -31.56
C LYS A 1080 -2.53 17.33 -30.80
N THR A 1081 -1.82 18.29 -31.40
CA THR A 1081 -0.67 18.87 -30.70
C THR A 1081 -0.90 20.33 -30.36
N PHE A 1082 -0.60 20.67 -29.10
CA PHE A 1082 -0.94 21.98 -28.57
C PHE A 1082 0.28 22.57 -27.89
N SER A 1083 0.76 23.69 -28.40
CA SER A 1083 1.89 24.39 -27.82
C SER A 1083 1.47 25.76 -27.37
N GLU A 1084 0.16 26.00 -27.36
CA GLU A 1084 -0.45 27.23 -26.88
C GLU A 1084 -1.97 27.07 -26.76
N GLY A 1085 -2.64 28.16 -26.39
CA GLY A 1085 -4.04 28.08 -26.06
C GLY A 1085 -4.15 27.46 -24.68
N PRO A 1086 -5.39 27.28 -24.19
CA PRO A 1086 -5.69 26.81 -22.84
C PRO A 1086 -5.79 25.29 -22.73
N PHE A 1087 -5.77 24.59 -23.86
CA PHE A 1087 -5.92 23.13 -23.84
C PHE A 1087 -4.62 22.30 -23.95
N ARG A 1088 -4.52 21.30 -23.09
CA ARG A 1088 -3.51 20.25 -23.24
C ARG A 1088 -4.09 18.84 -22.99
N GLU A 1089 -3.50 17.80 -23.61
CA GLU A 1089 -3.80 16.40 -23.30
C GLU A 1089 -2.56 15.53 -23.33
N SER A 1090 -2.44 14.63 -22.37
CA SER A 1090 -1.42 13.59 -22.43
C SER A 1090 -1.90 12.38 -21.63
N CYS A 1091 -1.72 11.19 -22.24
CA CYS A 1091 -2.01 9.92 -21.58
C CYS A 1091 -3.41 9.84 -21.01
N GLY A 1092 -4.39 10.24 -21.80
CA GLY A 1092 -5.78 10.03 -21.46
C GLY A 1092 -6.48 11.03 -20.58
N LYS A 1093 -5.73 11.97 -20.00
CA LYS A 1093 -6.31 13.06 -19.24
C LYS A 1093 -6.25 14.36 -20.07
N HIS A 1094 -7.33 15.13 -20.07
CA HIS A 1094 -7.40 16.36 -20.89
C HIS A 1094 -7.62 17.57 -20.02
N TYR A 1095 -6.83 18.61 -20.22
CA TYR A 1095 -7.01 19.81 -19.40
C TYR A 1095 -7.31 21.11 -20.17
N TYR A 1096 -8.13 21.93 -19.51
CA TYR A 1096 -8.47 23.27 -19.98
C TYR A 1096 -8.28 24.24 -18.80
N SER A 1097 -7.20 25.01 -18.85
CA SER A 1097 -6.84 25.97 -17.79
C SER A 1097 -6.85 25.36 -16.41
N GLY A 1098 -6.34 24.13 -16.31
CA GLY A 1098 -6.19 23.46 -15.02
C GLY A 1098 -7.37 22.60 -14.67
N VAL A 1099 -8.50 22.80 -15.36
CA VAL A 1099 -9.66 21.97 -15.01
C VAL A 1099 -9.76 20.75 -15.89
N ASP A 1100 -10.09 19.63 -15.24
CA ASP A 1100 -10.14 18.35 -15.88
C ASP A 1100 -11.36 18.29 -16.80
N VAL A 1101 -11.13 17.94 -18.07
CA VAL A 1101 -12.18 17.94 -19.08
C VAL A 1101 -12.07 16.65 -19.86
N THR A 1102 -11.40 15.69 -19.23
CA THR A 1102 -11.37 14.33 -19.72
C THR A 1102 -12.79 13.90 -19.96
N PRO A 1103 -13.09 13.49 -21.19
CA PRO A 1103 -14.42 13.02 -21.55
C PRO A 1103 -14.65 11.53 -21.26
N PHE A 1104 -15.82 11.04 -21.65
CA PHE A 1104 -16.05 9.60 -21.68
C PHE A 1104 -16.57 9.19 -23.06
N TYR A 1105 -16.38 7.92 -23.40
CA TYR A 1105 -16.77 7.44 -24.73
C TYR A 1105 -17.79 6.34 -24.63
N ILE A 1106 -18.80 6.40 -25.49
CA ILE A 1106 -19.73 5.29 -25.63
C ILE A 1106 -19.33 4.49 -26.85
N ARG A 1107 -18.70 3.34 -26.63
CA ARG A 1107 -18.08 2.62 -27.74
C ARG A 1107 -19.02 1.68 -28.45
N HIS A 1108 -20.05 1.19 -27.77
CA HIS A 1108 -20.87 0.12 -28.34
C HIS A 1108 -22.38 0.35 -28.34
N ARG A 1109 -23.07 -0.36 -29.21
CA ARG A 1109 -24.51 -0.37 -29.13
C ARG A 1109 -24.81 -0.90 -27.74
N ILE A 1110 -25.63 -0.20 -26.96
CA ILE A 1110 -25.88 -0.73 -25.62
C ILE A 1110 -27.08 -1.71 -25.56
N VAL A 1111 -26.79 -2.97 -25.22
CA VAL A 1111 -27.84 -3.99 -25.24
C VAL A 1111 -28.11 -4.62 -23.88
N SER A 1112 -27.07 -5.05 -23.17
CA SER A 1112 -27.31 -5.63 -21.85
C SER A 1112 -27.46 -4.56 -20.77
N PRO A 1113 -28.04 -4.93 -19.63
CA PRO A 1113 -28.00 -4.03 -18.47
C PRO A 1113 -26.59 -3.59 -18.07
N ALA A 1114 -25.61 -4.48 -18.22
CA ALA A 1114 -24.22 -4.09 -17.95
C ALA A 1114 -23.77 -2.93 -18.85
N ASP A 1115 -24.10 -2.97 -20.13
CA ASP A 1115 -23.75 -1.86 -21.03
C ASP A 1115 -24.33 -0.54 -20.52
N LEU A 1116 -25.62 -0.52 -20.23
CA LEU A 1116 -26.25 0.64 -19.65
C LEU A 1116 -25.53 1.08 -18.39
N ILE A 1117 -25.24 0.15 -17.49
CA ILE A 1117 -24.59 0.53 -16.23
C ILE A 1117 -23.22 1.18 -16.49
N LEU A 1118 -22.48 0.62 -17.46
CA LEU A 1118 -21.22 1.25 -17.86
C LEU A 1118 -21.41 2.73 -18.20
N VAL A 1119 -22.22 2.99 -19.21
CA VAL A 1119 -22.52 4.36 -19.59
C VAL A 1119 -22.98 5.26 -18.44
N LEU A 1120 -23.97 4.83 -17.65
CA LEU A 1120 -24.42 5.70 -16.56
C LEU A 1120 -23.32 5.97 -15.54
N ASN A 1121 -22.48 4.97 -15.30
CA ASN A 1121 -21.35 5.19 -14.41
C ASN A 1121 -20.37 6.22 -14.99
N ASN A 1122 -19.99 6.03 -16.25
CA ASN A 1122 -19.06 6.98 -16.84
C ASN A 1122 -19.62 8.39 -16.72
N LEU A 1123 -20.93 8.49 -16.78
CA LEU A 1123 -21.61 9.76 -16.64
C LEU A 1123 -21.56 10.21 -15.18
N TYR A 1124 -21.77 9.30 -14.26
CA TYR A 1124 -21.60 9.61 -12.83
C TYR A 1124 -20.24 10.25 -12.58
N ARG A 1125 -19.20 9.60 -13.07
CA ARG A 1125 -17.84 9.99 -12.77
C ARG A 1125 -17.46 11.29 -13.45
N TRP A 1126 -18.09 11.58 -14.57
CA TRP A 1126 -17.82 12.81 -15.30
C TRP A 1126 -18.54 14.00 -14.68
N ALA A 1127 -19.69 13.79 -14.06
CA ALA A 1127 -20.56 14.91 -13.67
C ALA A 1127 -20.65 15.09 -12.18
N THR A 1128 -19.88 14.29 -11.46
CA THR A 1128 -19.90 14.29 -10.02
C THR A 1128 -18.66 14.95 -9.45
N ILE A 1129 -18.87 15.85 -8.49
CA ILE A 1129 -17.77 16.29 -7.64
C ILE A 1129 -18.03 15.70 -6.27
N ASP A 1130 -17.10 14.88 -5.81
CA ASP A 1130 -17.17 14.31 -4.47
C ASP A 1130 -18.52 13.66 -4.14
N GLY A 1131 -19.07 12.93 -5.10
CA GLY A 1131 -20.36 12.26 -4.92
C GLY A 1131 -21.56 13.16 -5.18
N VAL A 1132 -21.33 14.47 -5.24
CA VAL A 1132 -22.42 15.40 -5.48
C VAL A 1132 -22.64 15.63 -6.98
N TRP A 1133 -23.88 15.51 -7.42
CA TRP A 1133 -24.23 15.65 -8.84
C TRP A 1133 -24.34 17.08 -9.32
N ASP A 1134 -23.63 17.40 -10.40
CA ASP A 1134 -24.06 18.50 -11.27
C ASP A 1134 -25.48 18.12 -11.69
N PRO A 1135 -26.46 18.99 -11.39
CA PRO A 1135 -27.90 18.78 -11.66
C PRO A 1135 -28.26 18.69 -13.14
N ARG A 1136 -27.47 19.35 -13.97
CA ARG A 1136 -27.80 19.38 -15.39
C ARG A 1136 -27.79 17.96 -15.93
N ALA A 1137 -26.90 17.15 -15.39
CA ALA A 1137 -26.65 15.84 -15.95
C ALA A 1137 -27.45 14.81 -15.19
N HIS A 1138 -27.70 15.10 -13.92
CA HIS A 1138 -28.48 14.22 -13.06
C HIS A 1138 -29.83 13.86 -13.64
N SER A 1139 -30.45 14.83 -14.32
CA SER A 1139 -31.75 14.61 -14.94
C SER A 1139 -31.67 13.56 -16.05
N VAL A 1140 -30.60 13.58 -16.84
CA VAL A 1140 -30.41 12.54 -17.84
C VAL A 1140 -30.14 11.19 -17.20
N TYR A 1141 -29.25 11.18 -16.22
CA TYR A 1141 -28.94 9.95 -15.48
C TYR A 1141 -30.19 9.26 -14.94
N LEU A 1142 -31.05 10.02 -14.27
CA LEU A 1142 -32.27 9.45 -13.71
C LEU A 1142 -33.19 8.96 -14.82
N LYS A 1143 -33.29 9.73 -15.90
CA LYS A 1143 -34.13 9.31 -17.01
C LYS A 1143 -33.71 7.92 -17.47
N TYR A 1144 -32.48 7.75 -17.95
CA TYR A 1144 -32.14 6.46 -18.51
C TYR A 1144 -31.97 5.37 -17.45
N ARG A 1145 -31.76 5.75 -16.20
CA ARG A 1145 -31.76 4.72 -15.15
C ARG A 1145 -33.01 3.85 -15.29
N LYS A 1146 -34.16 4.47 -15.56
CA LYS A 1146 -35.45 3.78 -15.61
C LYS A 1146 -35.46 2.63 -16.60
N LEU A 1147 -34.50 2.62 -17.53
CA LEU A 1147 -34.45 1.55 -18.51
C LEU A 1147 -34.02 0.21 -17.92
N LEU A 1148 -33.31 0.25 -16.80
CA LEU A 1148 -32.81 -1.00 -16.21
C LEU A 1148 -33.92 -1.76 -15.53
N PRO A 1149 -33.80 -3.10 -15.49
CA PRO A 1149 -34.60 -3.91 -14.56
C PRO A 1149 -34.69 -3.27 -13.17
N LYS A 1150 -35.89 -3.24 -12.61
CA LYS A 1150 -36.15 -2.54 -11.36
C LYS A 1150 -35.06 -2.71 -10.29
N GLN A 1151 -34.69 -3.96 -10.00
CA GLN A 1151 -33.71 -4.24 -8.95
C GLN A 1151 -32.33 -3.65 -9.19
N LEU A 1152 -31.86 -3.67 -10.43
CA LEU A 1152 -30.58 -3.11 -10.79
C LEU A 1152 -30.56 -1.58 -10.73
N GLN A 1153 -31.69 -0.96 -10.44
CA GLN A 1153 -31.71 0.46 -10.26
C GLN A 1153 -31.26 0.78 -8.84
N ARG A 1154 -31.37 -0.19 -7.96
CA ARG A 1154 -31.10 0.04 -6.56
C ARG A 1154 -29.80 -0.60 -6.12
N ASN A 1155 -29.27 -1.50 -6.94
CA ASN A 1155 -28.05 -2.19 -6.56
C ASN A 1155 -26.87 -1.28 -6.78
N THR A 1156 -26.39 -0.66 -5.71
CA THR A 1156 -25.34 0.33 -5.86
C THR A 1156 -24.04 -0.12 -5.18
N ILE A 1157 -22.91 0.30 -5.73
CA ILE A 1157 -21.58 0.14 -5.12
C ILE A 1157 -20.90 1.50 -5.03
N PRO A 1158 -19.81 1.60 -4.26
CA PRO A 1158 -19.01 2.82 -4.24
C PRO A 1158 -18.20 2.95 -5.51
N ASP A 1159 -17.68 4.14 -5.77
CA ASP A 1159 -16.78 4.29 -6.89
C ASP A 1159 -15.54 3.46 -6.58
N GLY A 1160 -14.79 3.11 -7.62
CA GLY A 1160 -13.57 2.34 -7.45
C GLY A 1160 -13.79 0.85 -7.25
N TYR A 1161 -14.97 0.34 -7.57
CA TYR A 1161 -15.20 -1.10 -7.46
C TYR A 1161 -15.70 -1.72 -8.76
N GLY A 1162 -15.47 -1.04 -9.86
CA GLY A 1162 -15.85 -1.56 -11.16
C GLY A 1162 -17.21 -1.11 -11.58
N ASP A 1163 -17.79 -1.82 -12.55
CA ASP A 1163 -18.99 -1.38 -13.20
C ASP A 1163 -20.00 -2.50 -13.26
N GLY A 1164 -19.94 -3.38 -12.28
CA GLY A 1164 -20.92 -4.47 -12.20
C GLY A 1164 -22.15 -4.03 -11.43
N ALA A 1165 -22.16 -2.74 -11.08
CA ALA A 1165 -23.28 -2.11 -10.36
C ALA A 1165 -23.24 -0.59 -10.58
N LEU A 1166 -24.34 0.10 -10.28
CA LEU A 1166 -24.35 1.56 -10.41
C LEU A 1166 -23.52 2.16 -9.28
N VAL A 1167 -22.75 3.20 -9.60
CA VAL A 1167 -22.03 3.87 -8.54
C VAL A 1167 -23.01 4.78 -7.82
N GLY A 1168 -23.00 4.72 -6.49
CA GLY A 1168 -23.91 5.45 -5.63
C GLY A 1168 -23.60 5.13 -4.18
N SER A 1169 -24.54 5.35 -3.27
CA SER A 1169 -24.29 5.06 -1.85
C SER A 1169 -24.64 3.63 -1.49
N VAL A 1170 -23.67 2.88 -0.99
CA VAL A 1170 -23.89 1.46 -0.75
C VAL A 1170 -24.66 1.21 0.56
N LEU A 1171 -24.76 2.24 1.41
CA LEU A 1171 -25.44 2.10 2.71
C LEU A 1171 -26.97 2.08 2.51
N ILE A 1172 -27.38 2.64 1.39
CA ILE A 1172 -28.76 2.71 0.95
C ILE A 1172 -29.18 1.39 0.29
N ASN A 1173 -28.20 0.63 -0.18
CA ASN A 1173 -28.44 -0.56 -1.01
C ASN A 1173 -29.12 -1.67 -0.22
N PRO A 1174 -30.29 -2.10 -0.69
CA PRO A 1174 -31.12 -3.14 -0.06
C PRO A 1174 -30.57 -4.55 -0.28
N PHE A 1175 -29.72 -4.71 -1.28
CA PHE A 1175 -29.18 -6.02 -1.60
C PHE A 1175 -27.88 -6.31 -0.87
N ALA A 1176 -27.33 -5.31 -0.19
CA ALA A 1176 -26.13 -5.53 0.60
C ALA A 1176 -26.39 -6.45 1.81
N LYS A 1177 -25.59 -7.48 1.96
CA LYS A 1177 -25.66 -8.33 3.15
C LYS A 1177 -24.47 -8.02 4.07
N ASN A 1178 -24.73 -7.63 5.31
CA ASN A 1178 -23.66 -7.37 6.26
C ASN A 1178 -23.36 -8.61 7.10
N ARG A 1179 -22.48 -9.47 6.61
CA ARG A 1179 -22.20 -10.75 7.25
C ARG A 1179 -20.89 -10.71 8.01
N GLY A 1180 -20.95 -10.96 9.31
CA GLY A 1180 -19.76 -10.99 10.13
C GLY A 1180 -18.97 -9.69 10.14
N TRP A 1181 -19.67 -8.58 10.21
CA TRP A 1181 -19.02 -7.27 10.27
C TRP A 1181 -18.29 -6.89 8.99
N ILE A 1182 -18.46 -7.70 7.95
CA ILE A 1182 -17.99 -7.28 6.63
C ILE A 1182 -19.16 -7.21 5.63
N ARG A 1183 -19.23 -6.11 4.88
CA ARG A 1183 -20.37 -5.86 4.02
C ARG A 1183 -20.13 -6.43 2.63
N TYR A 1184 -21.13 -7.12 2.09
CA TYR A 1184 -21.02 -7.79 0.81
C TYR A 1184 -22.11 -7.33 -0.12
N VAL A 1185 -21.74 -6.86 -1.30
CA VAL A 1185 -22.75 -6.47 -2.25
C VAL A 1185 -22.57 -7.20 -3.59
N PRO A 1186 -23.70 -7.52 -4.26
CA PRO A 1186 -23.74 -8.25 -5.53
C PRO A 1186 -23.35 -7.38 -6.72
N VAL A 1187 -22.56 -7.91 -7.65
CA VAL A 1187 -22.18 -7.20 -8.86
C VAL A 1187 -22.28 -8.13 -10.09
N ILE A 1188 -22.72 -7.58 -11.22
CA ILE A 1188 -22.75 -8.33 -12.46
C ILE A 1188 -21.31 -8.59 -12.86
N THR A 1189 -21.01 -9.82 -13.29
CA THR A 1189 -19.70 -10.15 -13.87
C THR A 1189 -19.92 -10.92 -15.14
N ASP A 1190 -18.89 -11.02 -15.99
CA ASP A 1190 -18.96 -11.90 -17.15
C ASP A 1190 -18.94 -13.34 -16.69
N HIS A 1191 -19.88 -14.12 -17.20
CA HIS A 1191 -20.03 -15.52 -16.83
C HIS A 1191 -19.04 -16.37 -17.65
N THR A 1192 -18.42 -17.33 -16.99
CA THR A 1192 -17.34 -18.07 -17.61
C THR A 1192 -17.41 -19.55 -17.34
N ARG A 1193 -17.00 -20.34 -18.33
CA ARG A 1193 -16.88 -21.77 -18.16
C ARG A 1193 -15.43 -22.10 -17.88
N ASP A 1194 -15.19 -23.18 -17.15
CA ASP A 1194 -13.82 -23.60 -16.91
C ASP A 1194 -13.26 -24.33 -18.11
N ARG A 1195 -11.94 -24.34 -18.20
CA ARG A 1195 -11.31 -24.80 -19.40
C ARG A 1195 -10.02 -25.50 -18.98
N GLU A 1196 -9.55 -26.44 -19.76
CA GLU A 1196 -8.40 -27.23 -19.34
C GLU A 1196 -7.12 -26.46 -19.53
N ARG A 1197 -6.32 -26.34 -18.48
CA ARG A 1197 -5.03 -25.68 -18.62
C ARG A 1197 -4.02 -26.70 -19.11
N ALA A 1198 -2.89 -26.22 -19.62
CA ALA A 1198 -1.83 -27.12 -20.03
C ALA A 1198 -0.90 -27.37 -18.84
N GLU A 1199 -0.82 -28.61 -18.40
CA GLU A 1199 -0.07 -28.92 -17.18
C GLU A 1199 1.44 -28.62 -17.29
N LEU A 1200 2.15 -29.26 -18.20
CA LEU A 1200 3.58 -28.91 -18.37
C LEU A 1200 3.73 -27.39 -18.55
N GLY A 1201 2.99 -26.83 -19.51
CA GLY A 1201 3.07 -25.41 -19.81
C GLY A 1201 2.97 -24.54 -18.58
N SER A 1202 1.93 -24.77 -17.78
CA SER A 1202 1.75 -23.96 -16.60
C SER A 1202 2.92 -24.15 -15.67
N TYR A 1203 3.34 -25.39 -15.48
CA TYR A 1203 4.48 -25.68 -14.62
C TYR A 1203 5.75 -24.97 -15.12
N LEU A 1204 5.99 -25.05 -16.43
CA LEU A 1204 7.12 -24.31 -17.00
C LEU A 1204 6.95 -22.83 -16.66
N TYR A 1205 5.75 -22.33 -16.92
CA TYR A 1205 5.46 -20.92 -16.69
C TYR A 1205 5.77 -20.56 -15.27
N ASP A 1206 5.30 -21.39 -14.36
CA ASP A 1206 5.53 -21.22 -12.94
C ASP A 1206 7.01 -21.15 -12.62
N LEU A 1207 7.77 -22.18 -12.97
CA LEU A 1207 9.21 -22.17 -12.71
C LEU A 1207 9.89 -21.01 -13.41
N PHE A 1208 9.58 -20.81 -14.69
CA PHE A 1208 10.23 -19.73 -15.42
C PHE A 1208 10.09 -18.41 -14.67
N SER A 1209 8.93 -18.20 -14.05
CA SER A 1209 8.67 -16.97 -13.30
C SER A 1209 9.53 -16.87 -12.05
N ARG A 1210 9.51 -17.93 -11.24
CA ARG A 1210 10.34 -17.99 -10.04
C ARG A 1210 11.78 -17.68 -10.39
N CYS A 1211 12.26 -18.20 -11.52
CA CYS A 1211 13.59 -17.85 -11.98
C CYS A 1211 13.66 -16.33 -12.13
N LEU A 1212 12.87 -15.77 -13.06
CA LEU A 1212 12.74 -14.33 -13.22
C LEU A 1212 12.79 -13.55 -11.91
N SER A 1213 12.02 -13.98 -10.92
CA SER A 1213 12.07 -13.33 -9.61
C SER A 1213 13.49 -13.29 -9.07
N GLU A 1214 14.13 -14.45 -9.04
CA GLU A 1214 15.47 -14.58 -8.45
C GLU A 1214 16.51 -13.62 -9.04
N SER A 1215 16.31 -13.17 -10.28
CA SER A 1215 17.30 -12.31 -10.94
C SER A 1215 16.87 -10.83 -11.06
N ASN A 1216 16.11 -10.34 -10.08
CA ASN A 1216 15.73 -8.92 -10.00
C ASN A 1216 14.95 -8.62 -8.71
N ALA A 1234 4.01 -1.86 9.10
CA ALA A 1234 3.45 -1.20 7.91
C ALA A 1234 3.71 -2.04 6.66
N ILE A 1235 4.96 -2.45 6.49
CA ILE A 1235 5.42 -3.15 5.29
C ILE A 1235 5.18 -4.67 5.39
N ASP A 1236 3.92 -5.05 5.59
CA ASP A 1236 3.59 -6.47 5.77
C ASP A 1236 2.79 -7.07 4.60
N GLN A 1237 2.87 -6.41 3.44
CA GLN A 1237 2.35 -6.97 2.19
C GLN A 1237 3.07 -8.28 1.90
N LEU A 1238 4.27 -8.40 2.46
CA LEU A 1238 5.17 -9.52 2.22
C LEU A 1238 4.63 -10.83 2.80
N ILE A 1239 3.32 -10.89 3.04
CA ILE A 1239 2.68 -12.11 3.49
C ILE A 1239 1.77 -12.68 2.40
N CYS A 1240 1.98 -12.28 1.14
CA CYS A 1240 1.17 -12.80 0.01
C CYS A 1240 2.03 -13.16 -1.20
N ARG A 1241 1.44 -13.87 -2.17
CA ARG A 1241 2.21 -14.34 -3.34
C ARG A 1241 1.67 -13.98 -4.74
N SER A 1242 1.82 -14.93 -5.66
CA SER A 1242 1.26 -14.85 -7.01
C SER A 1242 0.43 -16.11 -7.27
N ASN A 1243 -0.51 -16.06 -8.22
CA ASN A 1243 -1.58 -17.07 -8.29
C ASN A 1243 -1.55 -18.16 -9.38
N PRO A 1244 -1.99 -19.37 -9.02
CA PRO A 1244 -2.13 -20.54 -9.89
C PRO A 1244 -2.83 -20.19 -11.19
N THR A 1245 -2.31 -20.64 -12.33
CA THR A 1245 -2.95 -20.29 -13.60
C THR A 1245 -4.25 -21.05 -13.85
N LYS A 1246 -5.30 -20.32 -14.18
CA LYS A 1246 -6.61 -20.88 -14.46
C LYS A 1246 -7.12 -20.31 -15.76
N ILE A 1247 -7.43 -21.18 -16.71
CA ILE A 1247 -7.94 -20.76 -18.00
C ILE A 1247 -9.46 -20.83 -17.96
N SER A 1248 -10.13 -19.88 -18.60
CA SER A 1248 -11.58 -19.93 -18.70
C SER A 1248 -12.17 -19.29 -19.97
N ARG A 1249 -13.22 -19.91 -20.48
CA ARG A 1249 -13.92 -19.44 -21.67
C ARG A 1249 -15.00 -18.49 -21.19
N SER A 1250 -15.26 -17.46 -21.96
CA SER A 1250 -16.31 -16.53 -21.59
C SER A 1250 -17.54 -16.83 -22.42
N THR A 1251 -18.57 -17.37 -21.77
CA THR A 1251 -19.88 -17.46 -22.39
C THR A 1251 -20.31 -16.00 -22.51
N GLY A 1252 -21.41 -15.71 -23.19
CA GLY A 1252 -21.83 -14.31 -23.24
C GLY A 1252 -22.95 -13.97 -22.27
N LYS A 1253 -23.20 -14.85 -21.31
CA LYS A 1253 -24.22 -14.57 -20.31
C LYS A 1253 -23.56 -13.76 -19.19
N PHE A 1254 -24.34 -13.35 -18.20
CA PHE A 1254 -23.77 -12.66 -17.06
C PHE A 1254 -24.05 -13.42 -15.80
N ASP A 1255 -23.17 -13.24 -14.82
CA ASP A 1255 -23.28 -13.93 -13.55
C ASP A 1255 -23.27 -12.89 -12.42
N ILE A 1256 -23.88 -13.20 -11.30
CA ILE A 1256 -23.80 -12.30 -10.17
C ILE A 1256 -22.78 -12.81 -9.14
N GLN A 1257 -21.93 -11.90 -8.67
CA GLN A 1257 -20.92 -12.26 -7.69
C GLN A 1257 -20.87 -11.29 -6.52
N TYR A 1258 -20.84 -11.83 -5.31
CA TYR A 1258 -20.74 -11.00 -4.11
C TYR A 1258 -19.29 -10.64 -3.76
N ILE A 1259 -19.07 -9.35 -3.53
CA ILE A 1259 -17.75 -8.82 -3.27
C ILE A 1259 -17.75 -8.02 -1.97
N ALA A 1260 -16.60 -7.92 -1.34
CA ALA A 1260 -16.47 -7.14 -0.12
C ALA A 1260 -16.28 -5.70 -0.53
N CYS A 1261 -16.92 -4.78 0.17
CA CYS A 1261 -16.61 -3.38 -0.07
C CYS A 1261 -16.89 -2.49 1.13
N SER A 1262 -16.25 -1.33 1.15
CA SER A 1262 -16.36 -0.41 2.29
C SER A 1262 -16.78 0.97 1.79
N SER A 1263 -15.77 1.77 1.41
CA SER A 1263 -16.02 3.13 0.93
C SER A 1263 -14.70 3.81 0.52
N ARG A 1264 -13.71 3.00 0.14
CA ARG A 1264 -12.38 3.50 -0.24
C ARG A 1264 -11.92 3.04 -1.62
N1 CH1 D . 0.68 0.69 -29.43
C2 CH1 D . 1.28 -0.50 -29.15
N3 CH1 D . 0.62 -1.66 -29.42
C4 CH1 D . -0.61 -1.65 -29.98
C5 CH1 D . -1.21 -0.43 -30.29
C6 CH1 D . -0.54 0.73 -30.01
O2 CH1 D . 2.40 -0.54 -28.64
N4 CH1 D . -1.25 -2.92 -30.24
C1' CH1 D . 1.46 1.91 -29.14
C2' CH1 D . 2.44 2.01 -30.18
O2' CH1 D . 3.56 1.20 -29.87
C3' CH1 D . 2.74 3.43 -30.33
C4' CH1 D . 1.71 4.13 -29.62
O4' CH1 D . 0.76 3.13 -29.22
C5' CH1 D . 1.10 5.26 -30.43
O5' CH1 D . -0.20 5.19 -30.94
PA CH1 D . -1.27 6.29 -30.62
O1A CH1 D . -0.55 7.39 -29.91
O2A CH1 D . -2.35 5.78 -29.72
O3A CH1 D . -1.85 6.88 -31.96
PB CH1 D . -1.33 6.46 -33.42
O1B CH1 D . -1.96 5.09 -33.70
O2B CH1 D . 0.18 6.33 -33.53
O3B CH1 D . -1.91 7.45 -34.54
PG CH1 D . -3.06 8.56 -34.40
O1G CH1 D . -4.31 7.83 -33.91
O2G CH1 D . -2.71 9.62 -33.33
O3G CH1 D . -3.28 9.32 -35.70
CA CA E . -0.34 9.48 -32.11
CA CA F . -0.47 9.71 -28.34
#